data_1GZG
#
_entry.id   1GZG
#
_cell.length_a   127.131
_cell.length_b   127.131
_cell.length_c   86.145
_cell.angle_alpha   90.00
_cell.angle_beta   90.00
_cell.angle_gamma   90.00
#
_symmetry.space_group_name_H-M   'P 4 21 2'
#
loop_
_entity.id
_entity.type
_entity.pdbx_description
1 polymer 'DELTA-AMINOLEVULINIC ACID DEHYDRATASE'
2 non-polymer '5-FLUOROLEVULINIC ACID'
3 non-polymer 'MAGNESIUM ION'
4 non-polymer 'SODIUM ION'
5 non-polymer 'SULFATE ION'
6 non-polymer 'POTASSIUM ION'
7 water water
#
_entity_poly.entity_id   1
_entity_poly.type   'polypeptide(L)'
_entity_poly.pdbx_seq_one_letter_code
;MSFTPANRAYPYTRLRRNRRDDFSRRLVRENVLTVDDLILPVFVLDGVNQRESIPSMPGVERLSIDQLLIEAEEWVALGI
PALALFPVTPVEKKSLDAAEAYNPEGIAQRATRALRERFPELGIITDVALDPFTTHGQNGILDDDGYVLNDVSIDVLVRQ
ALSHAEAGAQVVAPSDMMDGRIGAIREALESAGHTNVRVMAYSAKYASAYYGPFRDAVGSASNLGKGNKATYQMDPANSD
EALHEVAADLAEGADMVMVKPGMPYLDIVRRVKDEFRAPTFVYQVSGEYAMHMGAIQNGWLAESVILESLTAFKRAGADG
ILTYFAKQAAEQLRRGR
;
_entity_poly.pdbx_strand_id   A,B
#
# COMPACT_ATOMS: atom_id res chain seq x y z
N ASN A 7 -1.82 -27.58 -18.60
CA ASN A 7 -0.50 -27.36 -17.94
C ASN A 7 -0.55 -27.80 -16.47
N ARG A 8 0.13 -27.05 -15.60
CA ARG A 8 0.12 -27.28 -14.15
C ARG A 8 -1.26 -27.39 -13.48
N ALA A 9 -1.55 -28.59 -12.98
CA ALA A 9 -2.78 -28.86 -12.25
C ALA A 9 -2.49 -29.65 -10.97
N TYR A 10 -3.28 -29.39 -9.93
CA TYR A 10 -3.18 -30.14 -8.68
C TYR A 10 -3.69 -31.56 -8.96
N PRO A 11 -3.12 -32.60 -8.33
CA PRO A 11 -2.02 -32.50 -7.38
C PRO A 11 -0.63 -32.77 -7.95
N TYR A 12 -0.47 -32.78 -9.26
CA TYR A 12 0.86 -32.93 -9.85
C TYR A 12 1.66 -31.71 -9.42
N THR A 13 0.97 -30.58 -9.39
CA THR A 13 1.55 -29.33 -8.93
C THR A 13 0.93 -28.95 -7.59
N ARG A 14 1.78 -28.91 -6.56
CA ARG A 14 1.39 -28.47 -5.24
C ARG A 14 2.34 -27.33 -4.97
N LEU A 15 1.84 -26.09 -4.99
CA LEU A 15 2.72 -24.93 -4.83
C LEU A 15 3.32 -24.86 -3.43
N ARG A 16 2.73 -25.60 -2.49
CA ARG A 16 3.26 -25.62 -1.14
C ARG A 16 4.58 -26.37 -1.02
N ARG A 17 4.95 -27.14 -2.04
CA ARG A 17 6.19 -27.92 -1.91
C ARG A 17 7.38 -27.00 -1.71
N ASN A 18 7.56 -26.01 -2.58
CA ASN A 18 8.69 -25.09 -2.42
C ASN A 18 8.59 -24.27 -1.13
N ARG A 19 7.38 -24.10 -0.61
CA ARG A 19 7.20 -23.38 0.65
C ARG A 19 7.48 -24.22 1.89
N ARG A 20 7.61 -25.53 1.72
CA ARG A 20 7.71 -26.45 2.85
C ARG A 20 8.88 -26.16 3.78
N ASP A 21 10.01 -25.78 3.20
CA ASP A 21 11.23 -25.56 3.97
C ASP A 21 11.91 -24.24 3.66
N ASP A 22 12.64 -23.73 4.65
CA ASP A 22 13.37 -22.50 4.49
C ASP A 22 14.36 -22.57 3.32
N PHE A 23 15.05 -23.70 3.16
CA PHE A 23 16.06 -23.77 2.11
C PHE A 23 15.42 -23.61 0.73
N SER A 24 14.24 -24.19 0.50
CA SER A 24 13.63 -24.12 -0.82
C SER A 24 12.97 -22.75 -0.99
N ARG A 25 12.44 -22.18 0.08
CA ARG A 25 11.89 -20.84 0.02
C ARG A 25 13.00 -19.87 -0.39
N ARG A 26 14.17 -20.06 0.19
CA ARG A 26 15.31 -19.21 -0.16
C ARG A 26 15.73 -19.38 -1.63
N LEU A 27 15.77 -20.62 -2.10
CA LEU A 27 16.16 -20.87 -3.48
C LEU A 27 15.24 -20.23 -4.50
N VAL A 28 13.93 -20.21 -4.23
CA VAL A 28 12.97 -19.70 -5.20
C VAL A 28 12.58 -18.23 -4.97
N ARG A 29 13.06 -17.65 -3.88
CA ARG A 29 12.74 -16.27 -3.51
C ARG A 29 13.09 -15.33 -4.66
N GLU A 30 12.09 -14.58 -5.12
CA GLU A 30 12.21 -13.80 -6.34
C GLU A 30 12.88 -12.45 -6.21
N ASN A 31 12.80 -11.88 -5.02
CA ASN A 31 13.35 -10.56 -4.76
C ASN A 31 13.97 -10.47 -3.38
N VAL A 32 14.97 -9.62 -3.26
N VAL A 32 14.99 -9.63 -3.27
CA VAL A 32 15.63 -9.41 -1.98
CA VAL A 32 15.63 -9.41 -1.99
C VAL A 32 15.95 -7.94 -1.80
C VAL A 32 15.92 -7.93 -1.82
N LEU A 33 15.69 -7.43 -0.62
CA LEU A 33 16.01 -6.04 -0.31
C LEU A 33 17.47 -6.02 0.19
N THR A 34 18.29 -5.07 -0.27
CA THR A 34 19.65 -4.88 0.27
C THR A 34 19.85 -3.40 0.58
N VAL A 35 20.93 -3.09 1.28
N VAL A 35 20.93 -3.08 1.29
CA VAL A 35 21.19 -1.69 1.63
CA VAL A 35 21.21 -1.69 1.64
C VAL A 35 21.45 -0.84 0.38
C VAL A 35 21.45 -0.84 0.38
N ASP A 36 21.85 -1.49 -0.70
CA ASP A 36 22.09 -0.80 -1.97
C ASP A 36 20.80 -0.18 -2.51
N ASP A 37 19.66 -0.58 -1.96
CA ASP A 37 18.36 -0.08 -2.41
C ASP A 37 17.84 1.09 -1.60
N LEU A 38 18.59 1.54 -0.62
CA LEU A 38 18.06 2.53 0.31
C LEU A 38 18.60 3.93 0.18
N ILE A 39 17.68 4.90 0.24
CA ILE A 39 18.02 6.32 0.27
C ILE A 39 17.35 6.89 1.50
N LEU A 40 18.11 7.60 2.34
CA LEU A 40 17.56 8.19 3.55
C LEU A 40 17.27 9.68 3.39
N PRO A 41 16.02 10.08 3.47
CA PRO A 41 15.71 11.52 3.48
C PRO A 41 16.03 12.10 4.85
N VAL A 42 16.51 13.34 4.86
N VAL A 42 16.53 13.33 4.85
CA VAL A 42 16.87 13.99 6.11
CA VAL A 42 16.88 13.99 6.10
C VAL A 42 16.42 15.44 6.09
C VAL A 42 16.40 15.43 6.09
N PHE A 43 15.88 15.89 7.22
CA PHE A 43 15.40 17.26 7.38
C PHE A 43 16.50 18.06 8.05
N VAL A 44 16.92 19.14 7.39
CA VAL A 44 18.07 19.91 7.85
C VAL A 44 17.72 21.31 8.32
N LEU A 45 18.18 21.60 9.53
CA LEU A 45 17.94 22.86 10.17
C LEU A 45 19.09 23.82 9.97
N ASP A 46 18.79 25.09 10.14
CA ASP A 46 19.80 26.11 10.16
C ASP A 46 20.39 26.08 11.57
N GLY A 47 21.47 26.80 11.78
CA GLY A 47 22.06 26.89 13.10
C GLY A 47 23.00 25.77 13.50
N VAL A 48 23.31 25.75 14.78
CA VAL A 48 24.27 24.83 15.34
C VAL A 48 23.69 24.12 16.55
N ASN A 49 23.94 22.82 16.63
CA ASN A 49 23.50 22.01 17.75
C ASN A 49 22.00 22.00 17.94
N GLN A 50 21.28 21.87 16.83
CA GLN A 50 19.82 21.85 16.83
C GLN A 50 19.33 20.45 16.48
N ARG A 51 18.37 19.97 17.25
CA ARG A 51 17.73 18.67 17.00
C ARG A 51 16.29 18.85 17.43
N GLU A 52 15.36 18.56 16.53
CA GLU A 52 13.95 18.75 16.82
C GLU A 52 13.13 17.55 16.42
N SER A 53 12.39 17.01 17.38
N SER A 53 12.38 17.01 17.38
CA SER A 53 11.52 15.87 17.10
CA SER A 53 11.52 15.87 17.11
C SER A 53 10.32 16.30 16.29
C SER A 53 10.31 16.31 16.29
N ILE A 54 9.81 15.40 15.47
CA ILE A 54 8.65 15.67 14.64
C ILE A 54 7.52 14.77 15.15
N PRO A 55 6.53 15.33 15.84
CA PRO A 55 5.47 14.51 16.45
C PRO A 55 4.71 13.59 15.48
N SER A 56 4.46 14.03 14.25
CA SER A 56 3.75 13.21 13.29
C SER A 56 4.67 12.25 12.54
N MET A 57 5.96 12.28 12.89
CA MET A 57 6.94 11.36 12.32
C MET A 57 7.81 10.81 13.46
N PRO A 58 7.23 9.96 14.29
CA PRO A 58 7.93 9.42 15.46
C PRO A 58 9.24 8.77 15.11
N GLY A 59 10.31 9.17 15.78
CA GLY A 59 11.63 8.62 15.54
C GLY A 59 12.47 9.43 14.58
N VAL A 60 11.83 10.40 13.92
CA VAL A 60 12.53 11.25 12.97
C VAL A 60 12.80 12.61 13.59
N GLU A 61 14.02 13.12 13.38
CA GLU A 61 14.39 14.42 13.90
C GLU A 61 14.93 15.33 12.83
N ARG A 62 14.62 16.61 12.95
CA ARG A 62 15.25 17.64 12.16
C ARG A 62 16.63 17.87 12.79
N LEU A 63 17.64 18.10 11.97
CA LEU A 63 19.02 18.24 12.45
C LEU A 63 19.76 19.40 11.85
N SER A 64 20.53 20.13 12.66
CA SER A 64 21.41 21.13 12.09
C SER A 64 22.56 20.39 11.39
N ILE A 65 23.31 21.13 10.57
CA ILE A 65 24.34 20.52 9.77
C ILE A 65 25.41 19.80 10.59
N ASP A 66 25.85 20.41 11.69
CA ASP A 66 26.83 19.75 12.53
C ASP A 66 26.32 18.41 13.07
N GLN A 67 25.02 18.34 13.41
CA GLN A 67 24.43 17.12 13.94
C GLN A 67 24.22 16.10 12.81
N LEU A 68 23.86 16.63 11.65
CA LEU A 68 23.72 15.81 10.46
C LEU A 68 25.03 15.07 10.16
N LEU A 69 26.14 15.79 10.26
CA LEU A 69 27.47 15.22 9.99
C LEU A 69 27.79 14.10 10.96
N ILE A 70 27.36 14.26 12.21
CA ILE A 70 27.60 13.25 13.22
C ILE A 70 26.78 11.98 12.95
N GLU A 71 25.50 12.16 12.68
CA GLU A 71 24.63 11.01 12.40
C GLU A 71 25.03 10.29 11.11
N ALA A 72 25.52 11.05 10.14
CA ALA A 72 25.90 10.49 8.84
C ALA A 72 27.04 9.48 8.95
N GLU A 73 27.80 9.60 10.02
N GLU A 73 27.87 9.62 9.99
CA GLU A 73 28.88 8.70 10.28
CA GLU A 73 28.92 8.63 10.24
C GLU A 73 28.35 7.25 10.37
C GLU A 73 28.34 7.24 10.34
N GLU A 74 27.23 7.10 11.07
CA GLU A 74 26.59 5.78 11.26
C GLU A 74 25.89 5.31 9.97
N TRP A 75 25.23 6.23 9.29
CA TRP A 75 24.54 5.91 8.03
C TRP A 75 25.54 5.37 7.00
N VAL A 76 26.69 6.02 6.92
CA VAL A 76 27.74 5.61 6.01
C VAL A 76 28.30 4.26 6.44
N ALA A 77 28.53 4.08 7.74
CA ALA A 77 29.02 2.81 8.24
C ALA A 77 28.06 1.66 7.93
N LEU A 78 26.77 1.96 7.86
CA LEU A 78 25.76 0.96 7.55
C LEU A 78 25.67 0.62 6.07
N GLY A 79 26.28 1.44 5.23
CA GLY A 79 26.30 1.20 3.80
C GLY A 79 25.22 1.92 3.00
N ILE A 80 24.47 2.80 3.65
CA ILE A 80 23.42 3.55 2.96
C ILE A 80 24.10 4.38 1.86
N PRO A 81 23.72 4.13 0.62
CA PRO A 81 24.39 4.77 -0.51
C PRO A 81 24.16 6.27 -0.69
N ALA A 82 23.01 6.79 -0.28
CA ALA A 82 22.70 8.19 -0.48
C ALA A 82 21.71 8.75 0.51
N LEU A 83 21.80 10.06 0.69
CA LEU A 83 20.81 10.84 1.43
C LEU A 83 20.07 11.77 0.48
N ALA A 84 18.83 12.06 0.82
CA ALA A 84 18.03 13.04 0.12
C ALA A 84 17.78 14.18 1.13
N LEU A 85 18.31 15.36 0.83
CA LEU A 85 18.23 16.49 1.75
C LEU A 85 16.99 17.35 1.55
N PHE A 86 16.35 17.68 2.67
CA PHE A 86 15.20 18.58 2.70
C PHE A 86 15.43 19.68 3.74
N PRO A 87 15.70 20.89 3.27
CA PRO A 87 15.93 22.01 4.18
C PRO A 87 14.67 22.50 4.87
N VAL A 88 14.82 22.90 6.13
CA VAL A 88 13.72 23.46 6.91
C VAL A 88 13.95 24.96 6.90
N THR A 89 13.37 25.62 5.91
CA THR A 89 13.66 27.01 5.67
C THR A 89 13.11 27.89 6.75
N PRO A 90 13.94 28.78 7.30
CA PRO A 90 13.43 29.75 8.28
C PRO A 90 12.30 30.58 7.67
N VAL A 91 11.28 30.87 8.46
CA VAL A 91 10.12 31.61 7.97
C VAL A 91 10.49 32.92 7.28
N GLU A 92 11.44 33.65 7.83
CA GLU A 92 11.81 34.96 7.27
C GLU A 92 12.53 34.90 5.93
N LYS A 93 12.93 33.70 5.50
CA LYS A 93 13.60 33.53 4.22
C LYS A 93 12.66 33.13 3.10
N LYS A 94 11.37 32.96 3.43
CA LYS A 94 10.38 32.66 2.44
C LYS A 94 9.94 33.94 1.74
N SER A 95 9.64 33.84 0.45
CA SER A 95 9.28 35.02 -0.32
C SER A 95 8.44 34.64 -1.53
N LEU A 96 7.93 35.64 -2.23
CA LEU A 96 7.20 35.37 -3.47
C LEU A 96 8.11 34.82 -4.55
N ASP A 97 9.35 35.31 -4.59
CA ASP A 97 10.25 34.92 -5.68
C ASP A 97 11.09 33.68 -5.39
N ALA A 98 10.93 33.11 -4.20
CA ALA A 98 11.66 31.90 -3.81
C ALA A 98 13.15 31.99 -4.02
N ALA A 99 13.71 33.20 -3.89
CA ALA A 99 15.13 33.41 -4.18
C ALA A 99 16.07 32.56 -3.34
N GLU A 100 15.66 32.25 -2.12
CA GLU A 100 16.48 31.44 -1.23
C GLU A 100 16.79 30.08 -1.86
N ALA A 101 15.93 29.62 -2.76
CA ALA A 101 16.14 28.35 -3.44
C ALA A 101 17.52 28.24 -4.07
N TYR A 102 18.05 29.35 -4.59
CA TYR A 102 19.36 29.33 -5.27
C TYR A 102 20.45 30.10 -4.53
N ASN A 103 20.20 30.42 -3.27
CA ASN A 103 21.19 31.06 -2.42
C ASN A 103 22.35 30.11 -2.19
N PRO A 104 23.57 30.48 -2.60
CA PRO A 104 24.74 29.64 -2.35
C PRO A 104 24.96 29.39 -0.85
N GLU A 105 24.36 30.21 0.02
CA GLU A 105 24.46 30.04 1.45
C GLU A 105 23.17 29.52 2.08
N GLY A 106 22.26 29.01 1.25
CA GLY A 106 21.07 28.37 1.76
C GLY A 106 21.43 27.08 2.49
N ILE A 107 20.53 26.59 3.32
CA ILE A 107 20.76 25.36 4.07
C ILE A 107 21.17 24.18 3.16
N ALA A 108 20.42 23.95 2.10
CA ALA A 108 20.69 22.79 1.25
C ALA A 108 22.09 22.87 0.64
N GLN A 109 22.46 24.05 0.19
CA GLN A 109 23.77 24.28 -0.40
C GLN A 109 24.86 24.06 0.65
N ARG A 110 24.68 24.62 1.84
CA ARG A 110 25.70 24.49 2.89
C ARG A 110 25.85 23.03 3.33
N ALA A 111 24.72 22.35 3.47
CA ALA A 111 24.72 20.97 3.89
C ALA A 111 25.40 20.10 2.85
N THR A 112 25.10 20.36 1.59
CA THR A 112 25.74 19.60 0.52
C THR A 112 27.26 19.78 0.57
N ARG A 113 27.73 21.02 0.67
CA ARG A 113 29.18 21.23 0.68
C ARG A 113 29.81 20.49 1.86
N ALA A 114 29.16 20.54 3.01
CA ALA A 114 29.71 19.92 4.21
C ALA A 114 29.80 18.40 4.07
N LEU A 115 28.72 17.79 3.58
CA LEU A 115 28.69 16.34 3.42
C LEU A 115 29.64 15.86 2.32
N ARG A 116 29.75 16.61 1.22
CA ARG A 116 30.61 16.21 0.12
C ARG A 116 32.07 16.18 0.56
N GLU A 117 32.43 17.11 1.44
CA GLU A 117 33.79 17.16 1.97
C GLU A 117 34.06 16.04 2.98
N ARG A 118 33.10 15.80 3.86
CA ARG A 118 33.28 14.82 4.94
C ARG A 118 33.16 13.36 4.49
N PHE A 119 32.23 13.10 3.58
CA PHE A 119 31.97 11.74 3.11
C PHE A 119 31.93 11.71 1.58
N PRO A 120 33.08 11.80 0.93
CA PRO A 120 33.14 11.90 -0.52
C PRO A 120 32.42 10.81 -1.29
N GLU A 121 32.23 9.62 -0.73
CA GLU A 121 31.58 8.55 -1.47
C GLU A 121 30.08 8.50 -1.26
N LEU A 122 29.59 9.30 -0.33
CA LEU A 122 28.17 9.28 -0.01
C LEU A 122 27.40 10.06 -1.05
N GLY A 123 26.32 9.49 -1.58
CA GLY A 123 25.52 10.22 -2.54
C GLY A 123 24.66 11.28 -1.87
N ILE A 124 24.63 12.47 -2.45
CA ILE A 124 23.79 13.56 -1.96
C ILE A 124 22.81 13.94 -3.04
N ILE A 125 21.53 13.76 -2.74
CA ILE A 125 20.46 14.09 -3.65
C ILE A 125 19.73 15.32 -3.12
N THR A 126 19.83 16.43 -3.83
CA THR A 126 19.19 17.67 -3.39
C THR A 126 17.82 17.77 -3.97
N ASP A 127 16.98 18.57 -3.33
CA ASP A 127 15.60 18.72 -3.75
C ASP A 127 15.45 19.98 -4.58
N VAL A 128 14.99 19.83 -5.82
CA VAL A 128 14.75 20.97 -6.69
C VAL A 128 13.24 21.19 -6.68
N ALA A 129 12.82 22.28 -6.02
CA ALA A 129 11.41 22.58 -5.79
C ALA A 129 11.37 23.90 -5.05
N LEU A 130 10.29 24.65 -5.20
CA LEU A 130 10.21 25.95 -4.55
C LEU A 130 9.30 25.96 -3.31
N ASP A 131 8.64 24.84 -3.02
CA ASP A 131 7.70 24.77 -1.88
C ASP A 131 8.30 25.18 -0.52
N PRO A 132 9.55 24.86 -0.24
CA PRO A 132 10.17 25.27 1.01
C PRO A 132 10.52 26.76 1.06
N PHE A 133 10.40 27.46 -0.07
CA PHE A 133 10.88 28.84 -0.14
C PHE A 133 9.82 29.88 -0.43
N THR A 134 8.61 29.44 -0.72
CA THR A 134 7.54 30.37 -1.02
C THR A 134 6.67 30.65 0.20
N THR A 135 6.15 31.86 0.28
CA THR A 135 5.26 32.20 1.39
C THR A 135 3.96 31.41 1.32
N HIS A 136 3.56 30.99 0.12
CA HIS A 136 2.31 30.26 -0.09
C HIS A 136 2.46 28.72 -0.11
N GLY A 137 3.68 28.22 -0.05
CA GLY A 137 3.89 26.77 -0.01
C GLY A 137 3.71 25.99 -1.30
N GLN A 138 3.49 26.66 -2.43
CA GLN A 138 3.37 25.95 -3.71
C GLN A 138 4.76 25.67 -4.25
N ASN A 139 4.86 24.67 -5.13
CA ASN A 139 6.14 24.21 -5.63
C ASN A 139 6.70 25.12 -6.72
N GLY A 140 5.93 26.12 -7.12
CA GLY A 140 6.36 27.12 -8.09
C GLY A 140 5.93 28.55 -7.76
N ILE A 141 6.11 29.46 -8.73
CA ILE A 141 5.77 30.86 -8.65
C ILE A 141 4.32 31.11 -9.10
N LEU A 142 3.58 31.94 -8.37
CA LEU A 142 2.17 32.20 -8.68
C LEU A 142 1.90 33.40 -9.59
N ASP A 143 0.89 33.27 -10.46
CA ASP A 143 0.40 34.39 -11.23
C ASP A 143 -0.66 35.15 -10.42
N ASP A 144 -1.24 36.18 -11.01
CA ASP A 144 -2.23 37.00 -10.32
C ASP A 144 -3.55 36.26 -10.03
N ASP A 145 -3.75 35.09 -10.62
CA ASP A 145 -4.94 34.29 -10.34
C ASP A 145 -4.65 33.17 -9.33
N GLY A 146 -3.42 33.11 -8.84
CA GLY A 146 -3.04 32.15 -7.83
C GLY A 146 -2.63 30.84 -8.44
N TYR A 147 -2.37 30.87 -9.74
CA TYR A 147 -1.96 29.66 -10.47
C TYR A 147 -0.45 29.55 -10.51
N VAL A 148 0.07 28.33 -10.32
CA VAL A 148 1.50 28.08 -10.36
C VAL A 148 1.98 28.06 -11.82
N LEU A 149 2.63 29.16 -12.22
CA LEU A 149 3.13 29.34 -13.58
C LEU A 149 4.18 28.29 -13.90
N ASN A 150 4.03 27.62 -15.03
CA ASN A 150 4.97 26.57 -15.36
C ASN A 150 6.38 27.02 -15.72
N ASP A 151 6.48 27.79 -16.78
CA ASP A 151 7.78 28.14 -17.31
C ASP A 151 8.55 29.12 -16.44
N VAL A 152 7.85 30.08 -15.86
CA VAL A 152 8.51 31.02 -14.96
C VAL A 152 9.08 30.28 -13.74
N SER A 153 8.37 29.26 -13.27
CA SER A 153 8.85 28.45 -12.17
C SER A 153 10.10 27.70 -12.59
N ILE A 154 10.09 27.15 -13.80
CA ILE A 154 11.25 26.42 -14.30
C ILE A 154 12.50 27.28 -14.25
N ASP A 155 12.37 28.56 -14.58
CA ASP A 155 13.53 29.44 -14.54
C ASP A 155 14.18 29.45 -13.17
N VAL A 156 13.36 29.48 -12.12
CA VAL A 156 13.90 29.48 -10.76
C VAL A 156 14.47 28.11 -10.40
N LEU A 157 13.75 27.05 -10.78
CA LEU A 157 14.22 25.70 -10.52
C LEU A 157 15.59 25.44 -11.18
N VAL A 158 15.80 26.01 -12.35
CA VAL A 158 17.05 25.85 -13.07
C VAL A 158 18.19 26.52 -12.27
N ARG A 159 17.93 27.72 -11.78
N ARG A 159 17.93 27.72 -11.78
CA ARG A 159 18.92 28.40 -10.96
CA ARG A 159 18.91 28.42 -10.96
C ARG A 159 19.24 27.58 -9.73
C ARG A 159 19.24 27.59 -9.71
N GLN A 160 18.21 27.04 -9.11
CA GLN A 160 18.37 26.21 -7.92
C GLN A 160 19.25 24.99 -8.22
N ALA A 161 18.90 24.26 -9.28
CA ALA A 161 19.62 23.08 -9.66
C ALA A 161 21.08 23.40 -9.93
N LEU A 162 21.35 24.50 -10.61
CA LEU A 162 22.73 24.91 -10.86
C LEU A 162 23.48 25.17 -9.55
N SER A 163 22.81 25.79 -8.58
CA SER A 163 23.45 26.06 -7.28
C SER A 163 23.76 24.78 -6.55
N HIS A 164 22.93 23.76 -6.72
CA HIS A 164 23.17 22.47 -6.10
C HIS A 164 24.38 21.81 -6.72
N ALA A 165 24.49 21.87 -8.05
CA ALA A 165 25.61 21.29 -8.77
C ALA A 165 26.89 21.98 -8.34
N GLU A 166 26.82 23.29 -8.20
CA GLU A 166 27.99 24.07 -7.78
C GLU A 166 28.43 23.67 -6.38
N ALA A 167 27.45 23.34 -5.53
CA ALA A 167 27.73 22.91 -4.16
C ALA A 167 28.30 21.49 -4.10
N GLY A 168 28.23 20.77 -5.22
CA GLY A 168 28.81 19.45 -5.29
C GLY A 168 27.85 18.27 -5.29
N ALA A 169 26.55 18.54 -5.30
CA ALA A 169 25.58 17.45 -5.31
C ALA A 169 25.78 16.56 -6.54
N GLN A 170 25.77 15.26 -6.34
CA GLN A 170 25.90 14.34 -7.46
C GLN A 170 24.58 14.12 -8.17
N VAL A 171 23.48 14.41 -7.46
CA VAL A 171 22.14 14.20 -8.00
C VAL A 171 21.25 15.37 -7.60
N VAL A 172 20.52 15.92 -8.55
CA VAL A 172 19.47 16.88 -8.25
C VAL A 172 18.16 16.18 -8.56
N ALA A 173 17.16 16.37 -7.71
CA ALA A 173 15.89 15.66 -7.85
C ALA A 173 14.73 16.65 -7.87
N PRO A 174 14.28 17.01 -9.07
CA PRO A 174 13.15 17.92 -9.22
C PRO A 174 11.82 17.27 -8.79
N SER A 175 11.27 17.74 -7.68
CA SER A 175 10.01 17.24 -7.11
C SER A 175 8.84 18.19 -7.35
N ASP A 176 9.02 19.11 -8.28
CA ASP A 176 8.10 20.20 -8.56
C ASP A 176 6.88 19.88 -9.41
N MET A 177 7.00 18.89 -10.29
CA MET A 177 5.95 18.56 -11.26
C MET A 177 5.53 19.69 -12.22
N MET A 178 6.49 20.53 -12.62
CA MET A 178 6.26 21.45 -13.73
C MET A 178 6.49 20.64 -15.01
N ASP A 179 5.75 20.94 -16.07
CA ASP A 179 5.99 20.27 -17.34
C ASP A 179 7.32 20.73 -17.90
N GLY A 180 8.08 19.82 -18.52
CA GLY A 180 9.32 20.18 -19.18
C GLY A 180 10.52 20.55 -18.33
N ARG A 181 10.41 20.48 -17.01
CA ARG A 181 11.53 20.97 -16.19
C ARG A 181 12.76 20.08 -16.27
N ILE A 182 12.58 18.78 -16.50
CA ILE A 182 13.73 17.90 -16.59
C ILE A 182 14.61 18.33 -17.76
N GLY A 183 14.00 18.61 -18.92
CA GLY A 183 14.79 19.05 -20.06
C GLY A 183 15.49 20.38 -19.83
N ALA A 184 14.80 21.33 -19.22
CA ALA A 184 15.37 22.65 -18.95
C ALA A 184 16.57 22.53 -18.03
N ILE A 185 16.43 21.72 -16.98
CA ILE A 185 17.51 21.53 -16.02
C ILE A 185 18.68 20.80 -16.68
N ARG A 186 18.38 19.77 -17.45
CA ARG A 186 19.44 19.03 -18.12
C ARG A 186 20.26 19.92 -19.05
N GLU A 187 19.55 20.73 -19.85
N GLU A 187 19.57 20.71 -19.87
CA GLU A 187 20.22 21.69 -20.74
CA GLU A 187 20.21 21.63 -20.80
C GLU A 187 21.13 22.61 -20.01
C GLU A 187 21.10 22.63 -20.04
N ALA A 188 20.60 23.16 -18.92
CA ALA A 188 21.37 24.08 -18.11
C ALA A 188 22.61 23.39 -17.52
N LEU A 189 22.44 22.17 -17.03
CA LEU A 189 23.56 21.43 -16.44
C LEU A 189 24.63 21.17 -17.50
N GLU A 190 24.18 20.72 -18.67
CA GLU A 190 25.11 20.45 -19.77
C GLU A 190 25.85 21.70 -20.21
N SER A 191 25.13 22.80 -20.37
N SER A 191 25.13 22.82 -20.36
CA SER A 191 25.73 24.06 -20.79
CA SER A 191 25.72 24.08 -20.79
C SER A 191 26.76 24.57 -19.80
C SER A 191 26.76 24.57 -19.80
N ALA A 192 26.51 24.37 -18.52
CA ALA A 192 27.40 24.81 -17.45
C ALA A 192 28.57 23.86 -17.19
N GLY A 193 28.59 22.72 -17.87
CA GLY A 193 29.67 21.78 -17.71
C GLY A 193 29.48 20.73 -16.63
N HIS A 194 28.27 20.66 -16.07
CA HIS A 194 27.94 19.70 -15.03
C HIS A 194 27.46 18.43 -15.69
N THR A 195 28.37 17.86 -16.48
CA THR A 195 28.14 16.71 -17.34
C THR A 195 27.58 15.48 -16.63
N ASN A 196 28.07 15.24 -15.42
CA ASN A 196 27.74 14.02 -14.72
C ASN A 196 26.79 14.16 -13.56
N VAL A 197 26.22 15.34 -13.39
CA VAL A 197 25.23 15.53 -12.35
C VAL A 197 23.98 14.77 -12.78
N ARG A 198 23.56 13.81 -11.97
CA ARG A 198 22.36 13.02 -12.30
C ARG A 198 21.10 13.83 -12.02
N VAL A 199 20.06 13.55 -12.78
CA VAL A 199 18.75 14.12 -12.55
C VAL A 199 17.81 12.98 -12.23
N MET A 200 17.34 12.95 -10.98
CA MET A 200 16.37 11.98 -10.53
C MET A 200 14.99 12.66 -10.59
N ALA A 201 14.26 12.42 -11.66
CA ALA A 201 12.97 13.07 -11.85
C ALA A 201 11.88 12.48 -10.95
N TYR A 202 11.14 13.33 -10.26
CA TYR A 202 9.90 12.91 -9.62
C TYR A 202 8.94 12.92 -10.81
N SER A 203 8.76 11.77 -11.45
CA SER A 203 8.04 11.71 -12.72
C SER A 203 6.55 11.59 -12.56
N ALA A 204 6.13 10.59 -11.78
CA ALA A 204 4.73 10.34 -11.51
C ALA A 204 4.45 10.54 -10.02
N LYS A 205 4.36 11.87 -9.79
CA LYS A 205 4.13 12.53 -8.54
C LYS A 205 2.70 12.81 -8.15
N TYR A 206 2.01 12.15 -7.30
CA TYR A 206 0.53 12.29 -7.15
C TYR A 206 0.14 13.34 -6.11
N ALA A 207 -0.94 14.05 -6.40
CA ALA A 207 -1.61 14.94 -5.47
C ALA A 207 -2.24 14.15 -4.33
N SER A 208 -1.41 13.77 -3.38
CA SER A 208 -1.77 12.86 -2.29
C SER A 208 -1.97 13.48 -0.92
N ALA A 209 -2.75 12.79 -0.10
CA ALA A 209 -2.98 13.16 1.29
C ALA A 209 -1.90 12.56 2.21
N TYR A 210 -1.05 11.69 1.66
CA TYR A 210 -0.01 11.04 2.45
C TYR A 210 1.20 11.93 2.74
N TYR A 211 1.22 13.17 2.27
CA TYR A 211 2.34 14.09 2.51
C TYR A 211 2.24 14.92 3.79
N GLY A 212 1.14 14.80 4.52
CA GLY A 212 0.93 15.62 5.70
C GLY A 212 2.12 15.79 6.64
N PRO A 213 2.65 14.69 7.17
CA PRO A 213 3.75 14.78 8.13
C PRO A 213 4.99 15.47 7.56
N PHE A 214 5.27 15.30 6.27
CA PHE A 214 6.42 15.94 5.65
C PHE A 214 6.24 17.45 5.70
N ARG A 215 5.03 17.90 5.41
CA ARG A 215 4.73 19.33 5.43
C ARG A 215 5.02 19.91 6.80
N ASP A 216 4.75 19.14 7.85
CA ASP A 216 5.10 19.51 9.21
C ASP A 216 6.61 19.51 9.40
N ALA A 217 7.26 18.44 8.95
CA ALA A 217 8.70 18.31 9.13
C ALA A 217 9.45 19.49 8.52
N VAL A 218 9.09 19.86 7.30
CA VAL A 218 9.81 20.94 6.59
C VAL A 218 9.30 22.34 6.88
N GLY A 219 8.12 22.44 7.48
CA GLY A 219 7.55 23.73 7.82
C GLY A 219 6.84 24.45 6.69
N SER A 220 6.38 23.70 5.70
CA SER A 220 5.63 24.28 4.61
C SER A 220 4.13 24.20 4.93
N ALA A 221 3.77 23.40 5.94
CA ALA A 221 2.36 23.20 6.30
C ALA A 221 1.60 24.49 6.56
N SER A 222 2.17 25.36 7.38
CA SER A 222 1.50 26.61 7.71
C SER A 222 1.38 27.50 6.47
N ASN A 223 2.38 27.45 5.62
CA ASN A 223 2.37 28.26 4.41
C ASN A 223 1.31 27.80 3.42
N LEU A 224 1.24 26.48 3.19
CA LEU A 224 0.27 25.90 2.26
C LEU A 224 -1.17 26.04 2.75
N GLY A 225 -1.37 25.95 4.06
CA GLY A 225 -2.70 26.01 4.64
C GLY A 225 -3.57 24.92 4.03
N LYS A 226 -4.72 25.30 3.51
CA LYS A 226 -5.65 24.36 2.89
C LYS A 226 -5.42 24.23 1.37
N GLY A 227 -4.39 24.91 0.86
CA GLY A 227 -4.09 24.91 -0.56
C GLY A 227 -3.80 23.52 -1.12
N ASN A 228 -4.11 23.35 -2.41
CA ASN A 228 -3.90 22.06 -3.09
C ASN A 228 -2.93 22.20 -4.26
N LYS A 229 -2.64 21.07 -4.87
CA LYS A 229 -1.69 21.00 -5.96
C LYS A 229 -2.25 20.17 -7.12
N ALA A 230 -3.58 20.13 -7.23
CA ALA A 230 -4.23 19.35 -8.29
C ALA A 230 -3.95 19.88 -9.70
N THR A 231 -3.45 21.12 -9.83
CA THR A 231 -3.11 21.61 -11.16
C THR A 231 -1.73 21.18 -11.61
N TYR A 232 -0.95 20.51 -10.76
CA TYR A 232 0.35 20.02 -11.21
C TYR A 232 0.65 18.60 -10.77
N GLN A 233 0.34 18.26 -9.52
CA GLN A 233 0.51 16.88 -9.06
C GLN A 233 -0.61 16.01 -9.67
N MET A 234 -0.32 14.73 -9.90
CA MET A 234 -1.26 13.87 -10.61
C MET A 234 -2.47 13.41 -9.82
N ASP A 235 -3.57 13.25 -10.53
CA ASP A 235 -4.79 12.68 -9.99
C ASP A 235 -4.54 11.20 -9.62
N PRO A 236 -4.71 10.85 -8.33
CA PRO A 236 -4.53 9.46 -7.89
C PRO A 236 -5.29 8.41 -8.70
N ALA A 237 -6.35 8.80 -9.41
CA ALA A 237 -7.11 7.83 -10.17
C ALA A 237 -6.39 7.38 -11.43
N ASN A 238 -5.36 8.12 -11.81
CA ASN A 238 -4.75 7.94 -13.14
C ASN A 238 -3.47 7.12 -13.18
N SER A 239 -3.47 6.12 -14.06
CA SER A 239 -2.37 5.17 -14.25
C SER A 239 -1.69 5.33 -15.62
N ASP A 240 -2.44 5.27 -16.71
CA ASP A 240 -1.87 5.51 -18.04
C ASP A 240 -1.07 6.87 -18.10
N GLU A 241 -1.63 7.89 -17.47
CA GLU A 241 -1.02 9.20 -17.46
C GLU A 241 0.40 9.11 -16.91
N ALA A 242 0.64 8.22 -15.95
CA ALA A 242 1.97 8.05 -15.35
C ALA A 242 3.00 7.65 -16.40
N LEU A 243 2.59 6.79 -17.33
CA LEU A 243 3.51 6.36 -18.39
C LEU A 243 3.90 7.52 -19.29
N HIS A 244 2.96 8.42 -19.59
CA HIS A 244 3.28 9.57 -20.42
C HIS A 244 4.22 10.51 -19.69
N GLU A 245 4.02 10.65 -18.38
CA GLU A 245 4.91 11.48 -17.56
C GLU A 245 6.35 10.95 -17.58
N VAL A 246 6.51 9.65 -17.38
CA VAL A 246 7.83 9.04 -17.37
C VAL A 246 8.49 9.09 -18.73
N ALA A 247 7.73 8.82 -19.79
CA ALA A 247 8.29 8.84 -21.14
C ALA A 247 8.91 10.20 -21.43
N ALA A 248 8.19 11.26 -21.08
CA ALA A 248 8.69 12.61 -21.30
C ALA A 248 9.99 12.86 -20.52
N ASP A 249 10.01 12.46 -19.26
CA ASP A 249 11.20 12.72 -18.43
C ASP A 249 12.43 11.97 -18.93
N LEU A 250 12.22 10.75 -19.44
CA LEU A 250 13.32 10.00 -20.04
C LEU A 250 13.81 10.71 -21.31
N ALA A 251 12.87 11.14 -22.15
CA ALA A 251 13.25 11.83 -23.38
C ALA A 251 14.02 13.09 -23.06
N GLU A 252 13.64 13.74 -21.96
CA GLU A 252 14.24 14.98 -21.52
C GLU A 252 15.60 14.81 -20.83
N GLY A 253 16.02 13.57 -20.58
CA GLY A 253 17.35 13.35 -20.03
C GLY A 253 17.48 12.84 -18.60
N ALA A 254 16.38 12.46 -17.96
CA ALA A 254 16.48 11.97 -16.59
C ALA A 254 17.32 10.72 -16.52
N ASP A 255 18.18 10.62 -15.50
CA ASP A 255 18.96 9.40 -15.27
C ASP A 255 18.20 8.35 -14.47
N MET A 256 17.23 8.81 -13.69
CA MET A 256 16.40 7.97 -12.84
C MET A 256 15.02 8.59 -12.85
N VAL A 257 13.99 7.76 -12.74
CA VAL A 257 12.62 8.26 -12.68
C VAL A 257 11.98 7.68 -11.43
N MET A 258 11.09 8.45 -10.81
CA MET A 258 10.51 8.09 -9.54
C MET A 258 9.00 8.17 -9.54
N VAL A 259 8.42 7.28 -8.76
CA VAL A 259 6.99 7.23 -8.51
C VAL A 259 6.82 7.59 -7.05
N LYS A 260 5.83 8.47 -6.79
CA LYS A 260 5.57 9.23 -5.61
C LYS A 260 4.12 9.45 -5.22
N PRO A 261 3.45 9.08 -4.00
CA PRO A 261 3.88 8.11 -2.96
C PRO A 261 4.22 6.71 -3.47
N GLY A 262 4.58 5.85 -2.53
CA GLY A 262 5.04 4.50 -2.80
C GLY A 262 4.04 3.38 -2.69
N MET A 263 3.80 2.92 -1.47
N MET A 263 3.80 2.93 -1.47
CA MET A 263 2.91 1.78 -1.25
CA MET A 263 2.92 1.78 -1.28
C MET A 263 1.54 1.92 -1.92
C MET A 263 1.55 1.91 -1.93
N PRO A 264 0.90 3.06 -1.80
CA PRO A 264 -0.41 3.25 -2.43
C PRO A 264 -0.33 3.33 -3.94
N TYR A 265 0.88 3.26 -4.51
CA TYR A 265 1.09 3.32 -5.95
C TYR A 265 2.03 2.22 -6.48
N LEU A 266 2.07 1.07 -5.82
CA LEU A 266 2.94 -0.02 -6.31
C LEU A 266 2.60 -0.50 -7.72
N ASP A 267 1.33 -0.41 -8.10
CA ASP A 267 0.92 -0.76 -9.46
C ASP A 267 1.62 0.15 -10.48
N ILE A 268 1.82 1.41 -10.12
CA ILE A 268 2.47 2.35 -11.03
C ILE A 268 3.96 2.01 -11.15
N VAL A 269 4.58 1.67 -10.02
CA VAL A 269 5.98 1.24 -10.02
C VAL A 269 6.13 0.08 -11.01
N ARG A 270 5.22 -0.88 -10.91
CA ARG A 270 5.26 -2.09 -11.73
C ARG A 270 5.13 -1.72 -13.20
N ARG A 271 4.13 -0.91 -13.54
CA ARG A 271 3.94 -0.52 -14.93
C ARG A 271 5.11 0.26 -15.50
N VAL A 272 5.63 1.16 -14.70
CA VAL A 272 6.74 1.99 -15.12
C VAL A 272 8.00 1.17 -15.38
N LYS A 273 8.34 0.26 -14.47
N LYS A 273 8.34 0.26 -14.47
CA LYS A 273 9.52 -0.57 -14.69
CA LYS A 273 9.52 -0.58 -14.69
C LYS A 273 9.34 -1.45 -15.93
C LYS A 273 9.34 -1.45 -15.93
N ASP A 274 8.16 -2.05 -16.06
CA ASP A 274 7.84 -2.92 -17.19
C ASP A 274 7.91 -2.21 -18.55
N GLU A 275 7.34 -1.00 -18.63
CA GLU A 275 7.25 -0.27 -19.87
C GLU A 275 8.56 0.30 -20.33
N PHE A 276 9.36 0.81 -19.38
CA PHE A 276 10.58 1.57 -19.73
C PHE A 276 11.91 0.92 -19.42
N ARG A 277 11.92 -0.05 -18.51
N ARG A 277 11.93 -0.06 -18.52
CA ARG A 277 13.14 -0.78 -18.16
CA ARG A 277 13.16 -0.77 -18.19
C ARG A 277 14.28 0.20 -17.85
C ARG A 277 14.27 0.21 -17.87
N ALA A 278 13.94 1.27 -17.13
CA ALA A 278 14.88 2.30 -16.75
C ALA A 278 15.06 2.27 -15.23
N PRO A 279 16.10 2.94 -14.71
CA PRO A 279 16.28 2.98 -13.25
C PRO A 279 15.07 3.68 -12.62
N THR A 280 14.35 2.90 -11.81
CA THR A 280 13.08 3.29 -11.23
C THR A 280 13.14 3.38 -9.74
N PHE A 281 12.65 4.48 -9.22
CA PHE A 281 12.66 4.64 -7.79
C PHE A 281 11.21 4.52 -7.14
N VAL A 282 11.15 4.80 -5.85
CA VAL A 282 9.84 4.92 -5.25
C VAL A 282 10.02 5.43 -3.84
N TYR A 283 9.25 6.51 -3.57
CA TYR A 283 9.33 7.24 -2.30
C TYR A 283 8.27 6.71 -1.33
N GLN A 284 8.72 6.11 -0.23
CA GLN A 284 7.83 5.67 0.86
C GLN A 284 7.68 6.93 1.69
N VAL A 285 6.58 7.64 1.48
CA VAL A 285 6.43 8.99 2.02
C VAL A 285 6.14 9.06 3.51
N SER A 286 6.25 10.28 4.04
CA SER A 286 6.08 10.58 5.45
C SER A 286 4.84 9.94 6.05
N GLY A 287 3.71 10.05 5.36
CA GLY A 287 2.48 9.44 5.82
C GLY A 287 2.57 7.92 5.90
N GLU A 288 3.29 7.30 4.96
CA GLU A 288 3.49 5.85 4.99
C GLU A 288 4.33 5.51 6.21
N TYR A 289 5.40 6.27 6.44
CA TYR A 289 6.27 6.05 7.58
C TYR A 289 5.47 6.22 8.88
N ALA A 290 4.72 7.30 8.98
CA ALA A 290 3.95 7.60 10.18
C ALA A 290 2.92 6.52 10.50
N MET A 291 2.19 6.07 9.48
CA MET A 291 1.20 5.01 9.66
C MET A 291 1.82 3.78 10.25
N HIS A 292 2.92 3.35 9.66
CA HIS A 292 3.60 2.15 10.11
C HIS A 292 4.16 2.34 11.51
N MET A 293 4.86 3.45 11.73
CA MET A 293 5.45 3.71 13.05
C MET A 293 4.40 3.78 14.16
N GLY A 294 3.30 4.46 13.91
CA GLY A 294 2.22 4.55 14.86
C GLY A 294 1.71 3.18 15.25
N ALA A 295 1.48 2.33 14.25
CA ALA A 295 0.96 0.99 14.48
C ALA A 295 1.95 0.12 15.25
N ILE A 296 3.23 0.25 14.91
CA ILE A 296 4.27 -0.51 15.58
C ILE A 296 4.34 -0.10 17.05
N GLN A 297 4.30 1.21 17.29
CA GLN A 297 4.45 1.72 18.66
C GLN A 297 3.24 1.39 19.53
N ASN A 298 2.08 1.26 18.89
CA ASN A 298 0.85 0.86 19.59
C ASN A 298 0.77 -0.64 19.83
N GLY A 299 1.71 -1.40 19.26
CA GLY A 299 1.72 -2.85 19.39
C GLY A 299 0.73 -3.54 18.47
N TRP A 300 0.24 -2.83 17.46
CA TRP A 300 -0.73 -3.36 16.50
C TRP A 300 -0.07 -4.15 15.37
N LEU A 301 1.15 -3.78 15.02
CA LEU A 301 1.92 -4.46 13.99
C LEU A 301 3.31 -4.77 14.50
N ALA A 302 3.82 -5.93 14.13
CA ALA A 302 5.16 -6.33 14.47
C ALA A 302 6.15 -5.50 13.65
N GLU A 303 7.34 -5.30 14.21
CA GLU A 303 8.39 -4.54 13.54
C GLU A 303 8.77 -5.10 12.17
N SER A 304 8.50 -6.39 11.98
CA SER A 304 8.80 -7.10 10.74
C SER A 304 8.14 -6.43 9.55
N VAL A 305 7.09 -5.66 9.81
CA VAL A 305 6.36 -4.98 8.76
C VAL A 305 7.25 -3.98 8.02
N ILE A 306 8.28 -3.46 8.67
CA ILE A 306 9.17 -2.51 8.01
C ILE A 306 9.80 -3.16 6.78
N LEU A 307 10.46 -4.29 6.98
CA LEU A 307 11.09 -4.98 5.87
C LEU A 307 10.06 -5.50 4.86
N GLU A 308 8.87 -5.86 5.32
CA GLU A 308 7.84 -6.33 4.38
C GLU A 308 7.43 -5.18 3.47
N SER A 309 7.26 -4.00 4.05
CA SER A 309 6.89 -2.84 3.25
C SER A 309 7.97 -2.52 2.23
N LEU A 310 9.24 -2.67 2.63
CA LEU A 310 10.33 -2.31 1.74
C LEU A 310 10.53 -3.36 0.66
N THR A 311 10.34 -4.62 1.02
CA THR A 311 10.42 -5.72 0.05
C THR A 311 9.39 -5.52 -1.05
N ALA A 312 8.21 -5.01 -0.69
CA ALA A 312 7.16 -4.79 -1.68
C ALA A 312 7.65 -3.91 -2.81
N PHE A 313 8.40 -2.87 -2.47
CA PHE A 313 8.95 -1.97 -3.48
C PHE A 313 9.86 -2.71 -4.46
N LYS A 314 10.72 -3.60 -3.96
CA LYS A 314 11.60 -4.37 -4.83
C LYS A 314 10.79 -5.30 -5.73
N ARG A 315 9.81 -5.97 -5.14
CA ARG A 315 8.98 -6.89 -5.88
C ARG A 315 8.21 -6.17 -6.99
N ALA A 316 7.75 -4.95 -6.69
CA ALA A 316 7.02 -4.12 -7.64
C ALA A 316 7.91 -3.58 -8.77
N GLY A 317 9.22 -3.59 -8.60
CA GLY A 317 10.14 -3.23 -9.67
C GLY A 317 11.05 -2.06 -9.38
N ALA A 318 11.04 -1.55 -8.15
CA ALA A 318 11.87 -0.40 -7.83
C ALA A 318 13.33 -0.79 -7.65
N ASP A 319 14.21 0.05 -8.15
CA ASP A 319 15.65 -0.15 -7.95
C ASP A 319 16.12 0.48 -6.65
N GLY A 320 15.50 1.58 -6.25
CA GLY A 320 15.88 2.29 -5.04
C GLY A 320 14.66 2.87 -4.35
N ILE A 321 14.75 2.99 -3.04
CA ILE A 321 13.62 3.43 -2.24
C ILE A 321 14.01 4.56 -1.32
N LEU A 322 13.28 5.64 -1.42
CA LEU A 322 13.43 6.74 -0.48
C LEU A 322 12.50 6.28 0.74
N THR A 323 13.15 6.13 1.88
CA THR A 323 12.42 5.74 3.03
C THR A 323 13.03 6.19 4.34
N TYR A 324 12.22 6.82 5.17
CA TYR A 324 12.64 7.30 6.49
C TYR A 324 13.01 6.11 7.41
N PHE A 325 12.74 4.89 6.96
CA PHE A 325 13.15 3.70 7.70
C PHE A 325 14.54 3.22 7.26
N ALA A 326 15.26 3.99 6.43
CA ALA A 326 16.50 3.47 5.87
C ALA A 326 17.51 3.00 6.93
N LYS A 327 17.69 3.75 8.01
CA LYS A 327 18.65 3.35 9.02
C LYS A 327 18.22 2.06 9.72
N GLN A 328 16.96 2.00 10.14
CA GLN A 328 16.40 0.82 10.80
C GLN A 328 16.53 -0.40 9.90
N ALA A 329 16.16 -0.22 8.63
CA ALA A 329 16.23 -1.29 7.65
C ALA A 329 17.66 -1.77 7.47
N ALA A 330 18.59 -0.84 7.33
CA ALA A 330 19.99 -1.16 7.12
C ALA A 330 20.55 -1.91 8.33
N GLU A 331 20.08 -1.54 9.52
CA GLU A 331 20.51 -2.18 10.75
C GLU A 331 20.01 -3.61 10.75
N GLN A 332 18.73 -3.80 10.44
CA GLN A 332 18.13 -5.14 10.38
C GLN A 332 18.80 -5.98 9.30
N LEU A 333 19.13 -5.36 8.17
CA LEU A 333 19.78 -6.06 7.07
C LEU A 333 21.20 -6.53 7.45
N ARG A 334 21.88 -5.74 8.27
CA ARG A 334 23.23 -6.11 8.72
C ARG A 334 23.25 -7.35 9.60
N ARG A 335 22.06 -7.81 9.97
CA ARG A 335 21.87 -8.99 10.78
C ARG A 335 21.16 -9.92 9.84
N PRO B 5 4.89 6.25 -26.58
CA PRO B 5 5.25 7.71 -26.48
C PRO B 5 4.47 8.58 -27.47
N ALA B 6 4.60 8.28 -28.77
CA ALA B 6 3.84 8.92 -29.82
C ALA B 6 4.52 10.25 -30.04
N ASN B 7 5.81 10.27 -29.72
CA ASN B 7 6.63 11.46 -29.86
C ASN B 7 6.03 12.68 -29.17
N ARG B 8 5.30 12.47 -28.07
CA ARG B 8 4.76 13.60 -27.33
C ARG B 8 5.92 14.32 -26.66
N ALA B 9 5.99 15.63 -26.84
CA ALA B 9 7.11 16.42 -26.31
C ALA B 9 6.71 17.82 -25.85
N TYR B 10 7.26 18.22 -24.72
CA TYR B 10 7.12 19.59 -24.23
C TYR B 10 7.77 20.52 -25.25
N PRO B 11 7.20 21.69 -25.52
CA PRO B 11 5.95 22.21 -24.94
C PRO B 11 4.67 21.98 -25.75
N TYR B 12 4.76 21.24 -26.84
CA TYR B 12 3.56 20.90 -27.60
C TYR B 12 2.63 20.13 -26.67
N THR B 13 3.21 19.19 -25.94
CA THR B 13 2.51 18.45 -24.91
C THR B 13 2.86 19.03 -23.56
N ARG B 14 1.86 19.55 -22.86
CA ARG B 14 2.00 19.98 -21.49
C ARG B 14 0.95 19.17 -20.74
N LEU B 15 1.38 18.21 -19.94
CA LEU B 15 0.42 17.37 -19.23
C LEU B 15 -0.40 18.11 -18.19
N ARG B 16 0.03 19.31 -17.82
CA ARG B 16 -0.73 20.12 -16.88
C ARG B 16 -1.98 20.74 -17.49
N ARG B 17 -2.10 20.75 -18.82
CA ARG B 17 -3.30 21.36 -19.40
C ARG B 17 -4.57 20.70 -18.89
N ASN B 18 -4.65 19.38 -18.97
CA ASN B 18 -5.84 18.68 -18.47
C ASN B 18 -6.02 18.84 -16.95
N ARG B 19 -4.94 19.10 -16.24
CA ARG B 19 -5.01 19.33 -14.80
C ARG B 19 -5.45 20.75 -14.44
N ARG B 20 -5.59 21.64 -15.42
CA ARG B 20 -5.83 23.06 -15.14
C ARG B 20 -7.15 23.34 -14.40
N ASP B 21 -8.19 22.60 -14.77
CA ASP B 21 -9.53 22.82 -14.25
C ASP B 21 -10.19 21.54 -13.80
N ASP B 22 -11.07 21.66 -12.81
CA ASP B 22 -11.82 20.52 -12.35
C ASP B 22 -12.54 19.80 -13.49
N PHE B 23 -13.15 20.55 -14.38
CA PHE B 23 -13.95 19.91 -15.41
C PHE B 23 -13.08 18.99 -16.28
N SER B 24 -11.87 19.40 -16.64
CA SER B 24 -11.02 18.57 -17.49
C SER B 24 -10.39 17.44 -16.68
N ARG B 25 -10.08 17.68 -15.41
CA ARG B 25 -9.65 16.57 -14.57
C ARG B 25 -10.72 15.48 -14.49
N ARG B 26 -11.99 15.90 -14.37
CA ARG B 26 -13.07 14.93 -14.32
C ARG B 26 -13.22 14.17 -15.63
N LEU B 27 -13.08 14.88 -16.76
CA LEU B 27 -13.26 14.23 -18.07
C LEU B 27 -12.21 13.15 -18.33
N VAL B 28 -10.97 13.40 -17.93
CA VAL B 28 -9.92 12.43 -18.21
C VAL B 28 -9.69 11.43 -17.06
N ARG B 29 -10.35 11.65 -15.92
CA ARG B 29 -10.19 10.77 -14.76
C ARG B 29 -10.35 9.31 -15.16
N GLU B 30 -9.33 8.49 -14.91
CA GLU B 30 -9.29 7.11 -15.44
C GLU B 30 -10.08 6.08 -14.64
N ASN B 31 -10.23 6.33 -13.35
CA ASN B 31 -10.89 5.39 -12.45
C ASN B 31 -11.72 6.10 -11.42
N VAL B 32 -12.82 5.47 -11.02
CA VAL B 32 -13.65 6.03 -9.98
C VAL B 32 -14.09 4.91 -9.06
N LEU B 33 -13.99 5.15 -7.76
CA LEU B 33 -14.51 4.22 -6.78
C LEU B 33 -16.02 4.44 -6.60
N THR B 34 -16.78 3.34 -6.51
CA THR B 34 -18.21 3.45 -6.22
C THR B 34 -18.55 2.43 -5.14
N VAL B 35 -19.77 2.53 -4.59
N VAL B 35 -19.77 2.53 -4.59
CA VAL B 35 -20.20 1.60 -3.55
CA VAL B 35 -20.19 1.61 -3.55
C VAL B 35 -20.26 0.17 -4.06
C VAL B 35 -20.24 0.17 -4.06
N ASP B 36 -20.42 0.01 -5.38
CA ASP B 36 -20.44 -1.30 -6.01
C ASP B 36 -19.11 -2.06 -5.86
N ASP B 37 -18.07 -1.38 -5.39
CA ASP B 37 -16.74 -1.97 -5.23
C ASP B 37 -16.43 -2.42 -3.80
N LEU B 38 -17.39 -2.26 -2.90
CA LEU B 38 -17.10 -2.40 -1.47
C LEU B 38 -17.72 -3.66 -0.86
N ILE B 39 -16.91 -4.40 -0.12
CA ILE B 39 -17.34 -5.55 0.67
C ILE B 39 -16.93 -5.25 2.11
N LEU B 40 -17.88 -5.37 3.05
N LEU B 40 -17.88 -5.37 3.04
CA LEU B 40 -17.58 -5.10 4.44
CA LEU B 40 -17.60 -5.10 4.43
C LEU B 40 -17.40 -6.37 5.29
C LEU B 40 -17.39 -6.38 5.26
N PRO B 41 -16.20 -6.60 5.80
CA PRO B 41 -15.96 -7.73 6.71
C PRO B 41 -16.56 -7.38 8.08
N VAL B 42 -17.22 -8.35 8.72
N VAL B 42 -17.17 -8.36 8.74
CA VAL B 42 -17.83 -8.15 10.03
CA VAL B 42 -17.81 -8.15 10.04
C VAL B 42 -17.47 -9.29 10.99
C VAL B 42 -17.47 -9.29 10.99
N PHE B 43 -17.15 -8.93 12.24
CA PHE B 43 -16.81 -9.91 13.26
C PHE B 43 -18.09 -10.19 14.06
N VAL B 44 -18.48 -11.45 14.09
CA VAL B 44 -19.78 -11.82 14.66
C VAL B 44 -19.66 -12.60 15.96
N LEU B 45 -20.30 -12.07 17.00
CA LEU B 45 -20.30 -12.68 18.31
C LEU B 45 -21.47 -13.66 18.48
N ASP B 46 -21.31 -14.56 19.43
CA ASP B 46 -22.38 -15.45 19.83
C ASP B 46 -23.22 -14.61 20.80
N GLY B 47 -24.46 -14.99 21.04
CA GLY B 47 -25.22 -14.28 22.06
C GLY B 47 -26.09 -13.15 21.55
N VAL B 48 -26.61 -12.37 22.49
CA VAL B 48 -27.59 -11.36 22.14
C VAL B 48 -27.28 -10.04 22.80
N ASN B 49 -27.51 -8.97 22.06
CA ASN B 49 -27.35 -7.63 22.59
C ASN B 49 -25.98 -7.34 23.11
N GLN B 50 -24.98 -7.65 22.29
N GLN B 50 -24.98 -7.69 22.29
CA GLN B 50 -23.60 -7.47 22.67
CA GLN B 50 -23.60 -7.49 22.67
C GLN B 50 -22.79 -6.83 21.57
C GLN B 50 -22.77 -6.85 21.58
N ARG B 51 -21.82 -6.01 21.97
CA ARG B 51 -20.85 -5.42 21.06
C ARG B 51 -19.58 -5.36 21.90
N GLU B 52 -18.44 -5.50 21.22
CA GLU B 52 -17.15 -5.44 21.88
C GLU B 52 -16.21 -4.62 21.01
N SER B 53 -15.41 -3.78 21.63
CA SER B 53 -14.40 -3.01 20.91
C SER B 53 -13.13 -3.82 20.82
N ILE B 54 -12.40 -3.60 19.73
CA ILE B 54 -11.17 -4.31 19.45
C ILE B 54 -10.03 -3.32 19.59
N PRO B 55 -9.14 -3.52 20.56
CA PRO B 55 -8.07 -2.56 20.83
C PRO B 55 -7.20 -2.18 19.64
N SER B 56 -6.86 -3.15 18.80
CA SER B 56 -5.98 -2.88 17.68
C SER B 56 -6.72 -2.53 16.39
N MET B 57 -8.05 -2.41 16.48
CA MET B 57 -8.84 -1.96 15.33
C MET B 57 -9.82 -0.88 15.78
N PRO B 58 -9.30 0.31 16.05
CA PRO B 58 -10.16 1.40 16.54
C PRO B 58 -11.34 1.62 15.61
N GLY B 59 -12.52 1.64 16.21
CA GLY B 59 -13.74 1.94 15.47
C GLY B 59 -14.48 0.70 15.00
N VAL B 60 -13.85 -0.46 15.08
CA VAL B 60 -14.47 -1.69 14.63
C VAL B 60 -15.01 -2.44 15.83
N GLU B 61 -16.22 -2.95 15.70
CA GLU B 61 -16.86 -3.65 16.80
C GLU B 61 -17.16 -5.09 16.42
N ARG B 62 -17.02 -5.99 17.38
CA ARG B 62 -17.56 -7.34 17.23
C ARG B 62 -19.04 -7.18 17.56
N LEU B 63 -19.92 -7.84 16.80
CA LEU B 63 -21.37 -7.68 16.94
C LEU B 63 -22.13 -9.00 17.10
N SER B 64 -23.05 -9.05 18.05
CA SER B 64 -23.94 -10.20 18.13
C SER B 64 -24.88 -10.14 16.92
N ILE B 65 -25.52 -11.24 16.55
CA ILE B 65 -26.34 -11.26 15.34
C ILE B 65 -27.47 -10.22 15.33
N ASP B 66 -28.17 -10.03 16.45
CA ASP B 66 -29.21 -9.02 16.49
C ASP B 66 -28.65 -7.62 16.19
N GLN B 67 -27.44 -7.36 16.67
CA GLN B 67 -26.77 -6.07 16.47
C GLN B 67 -26.30 -5.95 15.03
N LEU B 68 -25.85 -7.06 14.47
CA LEU B 68 -25.44 -7.14 13.07
C LEU B 68 -26.62 -6.78 12.15
N LEU B 69 -27.79 -7.31 12.46
CA LEU B 69 -29.01 -7.00 11.72
C LEU B 69 -29.37 -5.52 11.79
N ILE B 70 -29.17 -4.91 12.96
CA ILE B 70 -29.43 -3.47 13.11
C ILE B 70 -28.47 -2.67 12.23
N GLU B 71 -27.19 -3.00 12.27
CA GLU B 71 -26.23 -2.23 11.49
C GLU B 71 -26.40 -2.48 9.98
N ALA B 72 -26.77 -3.71 9.62
CA ALA B 72 -26.96 -4.04 8.22
C ALA B 72 -28.04 -3.20 7.56
N GLU B 73 -29.01 -2.74 8.34
CA GLU B 73 -30.04 -1.89 7.78
C GLU B 73 -29.39 -0.70 7.07
N GLU B 74 -28.41 -0.08 7.70
CA GLU B 74 -27.77 1.09 7.12
C GLU B 74 -26.77 0.69 6.02
N TRP B 75 -26.06 -0.41 6.22
CA TRP B 75 -25.14 -0.86 5.19
C TRP B 75 -25.89 -1.05 3.89
N VAL B 76 -27.07 -1.66 3.97
CA VAL B 76 -27.89 -1.91 2.81
C VAL B 76 -28.41 -0.59 2.24
N ALA B 77 -28.84 0.32 3.10
CA ALA B 77 -29.35 1.62 2.64
C ALA B 77 -28.27 2.42 1.91
N LEU B 78 -27.01 2.18 2.29
CA LEU B 78 -25.86 2.85 1.67
C LEU B 78 -25.45 2.23 0.35
N GLY B 79 -25.97 1.05 0.05
CA GLY B 79 -25.66 0.37 -1.20
C GLY B 79 -24.54 -0.65 -1.15
N ILE B 80 -24.00 -0.95 0.03
CA ILE B 80 -22.92 -1.92 0.14
C ILE B 80 -23.44 -3.28 -0.35
N PRO B 81 -22.83 -3.81 -1.41
CA PRO B 81 -23.34 -5.04 -2.01
C PRO B 81 -23.18 -6.34 -1.22
N ALA B 82 -22.17 -6.44 -0.37
CA ALA B 82 -21.91 -7.69 0.32
C ALA B 82 -21.15 -7.52 1.62
N LEU B 83 -21.35 -8.49 2.51
CA LEU B 83 -20.60 -8.61 3.75
C LEU B 83 -19.75 -9.88 3.72
N ALA B 84 -18.60 -9.85 4.38
CA ALA B 84 -17.79 -11.06 4.59
C ALA B 84 -17.87 -11.36 6.10
N LEU B 85 -18.47 -12.49 6.45
CA LEU B 85 -18.63 -12.84 7.86
C LEU B 85 -17.43 -13.58 8.47
N PHE B 86 -17.02 -13.13 9.65
CA PHE B 86 -15.98 -13.80 10.42
C PHE B 86 -16.47 -14.05 11.84
N PRO B 87 -16.85 -15.28 12.13
CA PRO B 87 -17.34 -15.59 13.47
C PRO B 87 -16.23 -15.56 14.51
N VAL B 88 -16.62 -15.17 15.72
CA VAL B 88 -15.73 -15.12 16.85
C VAL B 88 -16.11 -16.32 17.70
N THR B 89 -15.47 -17.45 17.45
CA THR B 89 -15.85 -18.70 18.10
C THR B 89 -15.56 -18.74 19.59
N PRO B 90 -16.58 -19.06 20.39
CA PRO B 90 -16.35 -19.24 21.83
C PRO B 90 -15.35 -20.37 22.02
N VAL B 91 -14.46 -20.18 22.98
CA VAL B 91 -13.41 -21.17 23.22
C VAL B 91 -13.97 -22.59 23.45
N GLU B 92 -15.15 -22.70 24.03
N GLU B 92 -15.17 -22.68 24.02
CA GLU B 92 -15.74 -23.99 24.35
CA GLU B 92 -15.84 -23.94 24.35
C GLU B 92 -16.26 -24.75 23.13
C GLU B 92 -16.24 -24.75 23.12
N LYS B 93 -16.45 -24.05 22.02
CA LYS B 93 -16.90 -24.67 20.78
C LYS B 93 -15.69 -25.07 19.94
N LYS B 94 -14.51 -24.65 20.38
CA LYS B 94 -13.30 -25.01 19.67
C LYS B 94 -13.06 -26.52 19.78
N SER B 95 -11.98 -26.97 19.11
N SER B 95 -11.88 -27.04 19.58
CA SER B 95 -11.55 -28.35 19.23
CA SER B 95 -11.71 -28.03 18.50
C SER B 95 -10.64 -28.97 18.17
C SER B 95 -12.03 -29.47 18.21
N LEU B 96 -11.00 -30.21 17.83
N LEU B 96 -10.83 -30.02 18.10
CA LEU B 96 -10.17 -31.14 17.08
CA LEU B 96 -10.39 -31.32 17.60
C LEU B 96 -11.03 -31.66 15.98
C LEU B 96 -10.89 -31.79 16.31
N ASP B 97 -12.20 -32.10 16.42
N ASP B 97 -10.39 -31.17 15.27
CA ASP B 97 -13.31 -32.44 15.58
CA ASP B 97 -10.84 -31.69 14.05
C ASP B 97 -13.37 -31.28 14.58
C ASP B 97 -11.74 -30.60 13.52
N ALA B 98 -13.23 -30.06 15.09
N ALA B 98 -12.41 -29.90 14.45
CA ALA B 98 -13.06 -28.85 14.25
CA ALA B 98 -12.97 -28.63 14.09
C ALA B 98 -14.34 -28.79 13.47
C ALA B 98 -14.35 -28.72 13.47
N ALA B 99 -15.39 -29.01 14.25
CA ALA B 99 -16.70 -29.26 13.72
C ALA B 99 -17.73 -28.29 14.12
N GLU B 100 -17.28 -27.23 14.73
CA GLU B 100 -18.15 -26.13 14.91
C GLU B 100 -18.19 -25.53 13.49
N ALA B 101 -17.14 -25.83 12.70
CA ALA B 101 -17.04 -25.35 11.32
C ALA B 101 -18.24 -25.72 10.45
N TYR B 102 -18.72 -26.97 10.55
N TYR B 102 -18.71 -26.96 10.55
CA TYR B 102 -19.88 -27.42 9.78
CA TYR B 102 -19.87 -27.40 9.77
C TYR B 102 -21.16 -27.54 10.62
C TYR B 102 -21.14 -27.57 10.62
N ASN B 103 -21.13 -26.97 11.81
CA ASN B 103 -22.28 -27.00 12.71
C ASN B 103 -23.37 -26.10 12.19
N PRO B 104 -24.56 -26.65 11.93
CA PRO B 104 -25.68 -25.88 11.42
C PRO B 104 -26.13 -24.73 12.33
N GLU B 105 -25.82 -24.83 13.62
N GLU B 105 -25.82 -24.83 13.62
CA GLU B 105 -26.17 -23.76 14.55
CA GLU B 105 -26.16 -23.77 14.56
C GLU B 105 -24.93 -22.96 14.96
C GLU B 105 -24.93 -22.97 14.96
N GLY B 106 -23.88 -23.05 14.16
CA GLY B 106 -22.65 -22.31 14.42
C GLY B 106 -22.93 -20.84 14.11
N ILE B 107 -22.11 -19.92 14.63
CA ILE B 107 -22.35 -18.49 14.42
C ILE B 107 -22.48 -18.11 12.94
N ALA B 108 -21.54 -18.56 12.13
CA ALA B 108 -21.56 -18.18 10.71
C ALA B 108 -22.85 -18.61 10.06
N GLN B 109 -23.24 -19.86 10.30
CA GLN B 109 -24.48 -20.39 9.74
C GLN B 109 -25.71 -19.62 10.24
N ARG B 110 -25.77 -19.34 11.55
CA ARG B 110 -26.88 -18.58 12.10
C ARG B 110 -26.97 -17.16 11.52
N ALA B 111 -25.82 -16.50 11.42
CA ALA B 111 -25.75 -15.15 10.91
C ALA B 111 -26.19 -15.12 9.45
N THR B 112 -25.71 -16.09 8.69
CA THR B 112 -26.08 -16.17 7.28
C THR B 112 -27.61 -16.30 7.10
N ARG B 113 -28.21 -17.30 7.75
N ARG B 113 -28.23 -17.24 7.81
CA ARG B 113 -29.67 -17.45 7.70
CA ARG B 113 -29.66 -17.46 7.69
C ARG B 113 -30.41 -16.18 8.04
C ARG B 113 -30.44 -16.20 8.07
N ALA B 114 -29.98 -15.52 9.10
CA ALA B 114 -30.64 -14.31 9.58
C ALA B 114 -30.58 -13.18 8.57
N LEU B 115 -29.40 -12.98 7.99
CA LEU B 115 -29.22 -11.92 7.01
C LEU B 115 -29.93 -12.23 5.69
N ARG B 116 -29.87 -13.47 5.24
CA ARG B 116 -30.50 -13.86 3.99
C ARG B 116 -32.02 -13.65 4.08
N GLU B 117 -32.59 -13.90 5.25
CA GLU B 117 -34.03 -13.74 5.42
C GLU B 117 -34.43 -12.28 5.46
N ARG B 118 -33.66 -11.46 6.17
CA ARG B 118 -33.99 -10.05 6.36
C ARG B 118 -33.61 -9.14 5.20
N PHE B 119 -32.48 -9.45 4.56
CA PHE B 119 -31.98 -8.64 3.45
C PHE B 119 -31.64 -9.55 2.27
N PRO B 120 -32.67 -10.02 1.57
CA PRO B 120 -32.50 -11.00 0.49
C PRO B 120 -31.53 -10.60 -0.62
N GLU B 121 -31.38 -9.30 -0.89
CA GLU B 121 -30.49 -8.83 -1.97
C GLU B 121 -29.03 -8.64 -1.50
N LEU B 122 -28.79 -8.71 -0.21
CA LEU B 122 -27.43 -8.48 0.31
C LEU B 122 -26.59 -9.74 0.16
N GLY B 123 -25.40 -9.57 -0.43
CA GLY B 123 -24.48 -10.68 -0.59
C GLY B 123 -23.81 -11.07 0.71
N ILE B 124 -23.74 -12.37 0.96
CA ILE B 124 -23.08 -12.92 2.12
C ILE B 124 -21.95 -13.83 1.66
N ILE B 125 -20.75 -13.46 2.07
CA ILE B 125 -19.56 -14.23 1.78
C ILE B 125 -19.09 -14.87 3.08
N THR B 126 -19.15 -16.19 3.13
CA THR B 126 -18.72 -16.90 4.32
C THR B 126 -17.27 -17.32 4.23
N ASP B 127 -16.67 -17.54 5.38
CA ASP B 127 -15.27 -17.91 5.49
C ASP B 127 -15.10 -19.41 5.65
N VAL B 128 -14.45 -20.03 4.67
CA VAL B 128 -14.20 -21.46 4.71
C VAL B 128 -12.78 -21.62 5.24
N ALA B 129 -12.68 -22.06 6.49
CA ALA B 129 -11.42 -22.21 7.20
C ALA B 129 -11.72 -22.92 8.50
N LEU B 130 -10.70 -23.51 9.10
CA LEU B 130 -10.90 -24.33 10.29
C LEU B 130 -10.26 -23.76 11.50
N ASP B 131 -9.28 -22.93 11.27
N ASP B 131 -9.49 -22.70 11.27
CA ASP B 131 -8.59 -22.35 12.40
CA ASP B 131 -8.63 -22.12 12.28
C ASP B 131 -9.49 -21.65 13.43
C ASP B 131 -9.42 -21.49 13.42
N PRO B 132 -10.57 -20.94 13.06
CA PRO B 132 -11.42 -20.28 14.06
C PRO B 132 -12.08 -21.32 14.92
N PHE B 133 -11.96 -22.57 14.49
CA PHE B 133 -12.58 -23.67 15.19
C PHE B 133 -11.55 -24.65 15.76
N THR B 134 -10.25 -24.35 15.64
CA THR B 134 -9.25 -25.19 16.29
C THR B 134 -8.67 -24.62 17.58
N THR B 135 -8.58 -25.50 18.56
CA THR B 135 -8.06 -25.18 19.88
C THR B 135 -6.59 -24.85 19.75
N HIS B 136 -6.03 -25.18 18.61
CA HIS B 136 -4.61 -24.99 18.41
C HIS B 136 -4.35 -23.94 17.34
N GLY B 137 -5.41 -23.26 16.92
CA GLY B 137 -5.32 -22.16 15.97
C GLY B 137 -4.81 -22.56 14.60
N GLN B 138 -4.99 -23.83 14.24
CA GLN B 138 -4.45 -24.33 12.98
C GLN B 138 -5.49 -24.75 11.96
N ASN B 139 -5.34 -24.22 10.75
CA ASN B 139 -6.22 -24.54 9.64
C ASN B 139 -6.06 -25.94 9.15
N GLY B 140 -6.16 -26.88 10.06
CA GLY B 140 -6.11 -28.24 9.63
C GLY B 140 -6.27 -29.14 10.81
N ILE B 141 -6.73 -30.33 10.49
CA ILE B 141 -6.66 -31.40 11.43
C ILE B 141 -5.13 -31.69 11.33
N LEU B 142 -4.28 -30.73 11.80
CA LEU B 142 -2.78 -30.78 11.84
C LEU B 142 -2.14 -32.18 11.96
N ASP B 143 -0.85 -32.30 11.60
CA ASP B 143 -0.11 -33.55 11.86
C ASP B 143 0.56 -33.50 13.23
N ASP B 144 1.11 -34.64 13.63
CA ASP B 144 1.69 -34.83 14.96
C ASP B 144 3.05 -34.14 15.06
N ASP B 145 3.38 -33.44 13.98
CA ASP B 145 4.66 -32.73 13.83
C ASP B 145 4.40 -31.23 13.82
N GLY B 146 3.16 -30.86 13.58
CA GLY B 146 2.75 -29.47 13.58
C GLY B 146 2.66 -28.89 12.19
N TYR B 147 2.83 -29.73 11.18
CA TYR B 147 2.70 -29.29 9.80
C TYR B 147 1.22 -29.28 9.46
N VAL B 148 0.74 -28.20 8.83
CA VAL B 148 -0.66 -28.11 8.46
C VAL B 148 -0.92 -29.05 7.29
N LEU B 149 -1.47 -30.21 7.62
CA LEU B 149 -1.82 -31.22 6.65
C LEU B 149 -2.73 -30.60 5.58
N ASN B 150 -2.36 -30.74 4.32
CA ASN B 150 -3.10 -30.13 3.20
C ASN B 150 -4.42 -30.81 2.81
N ASP B 151 -4.35 -32.04 2.32
CA ASP B 151 -5.53 -32.75 1.82
C ASP B 151 -6.55 -33.06 2.92
N VAL B 152 -6.06 -33.36 4.11
CA VAL B 152 -6.94 -33.69 5.22
C VAL B 152 -7.66 -32.42 5.67
N SER B 153 -6.96 -31.28 5.57
CA SER B 153 -7.57 -29.99 5.90
C SER B 153 -8.69 -29.69 4.92
N ILE B 154 -8.53 -30.13 3.68
CA ILE B 154 -9.50 -29.88 2.63
C ILE B 154 -10.77 -30.66 2.87
N ASP B 155 -10.62 -31.80 3.55
CA ASP B 155 -11.75 -32.65 3.80
C ASP B 155 -12.70 -31.86 4.66
N VAL B 156 -12.15 -31.18 5.64
CA VAL B 156 -12.98 -30.49 6.60
C VAL B 156 -13.72 -29.34 5.91
N LEU B 157 -12.95 -28.55 5.16
CA LEU B 157 -13.47 -27.36 4.50
C LEU B 157 -14.70 -27.61 3.63
N VAL B 158 -14.94 -28.86 3.24
CA VAL B 158 -16.00 -29.20 2.28
C VAL B 158 -17.36 -29.24 2.93
N ARG B 159 -17.46 -29.93 4.06
N ARG B 159 -17.45 -29.91 4.06
N ARG B 159 -17.46 -29.93 4.07
CA ARG B 159 -18.71 -30.00 4.82
CA ARG B 159 -18.70 -29.98 4.79
CA ARG B 159 -18.72 -30.00 4.82
C ARG B 159 -19.08 -28.60 5.32
C ARG B 159 -19.08 -28.59 5.27
C ARG B 159 -19.08 -28.60 5.32
N GLN B 160 -18.07 -27.83 5.70
CA GLN B 160 -18.28 -26.47 6.19
C GLN B 160 -18.87 -25.66 5.03
N ALA B 161 -18.23 -25.76 3.87
CA ALA B 161 -18.71 -25.06 2.68
C ALA B 161 -20.15 -25.47 2.38
N LEU B 162 -20.44 -26.77 2.41
CA LEU B 162 -21.81 -27.21 2.17
C LEU B 162 -22.77 -26.64 3.22
N SER B 163 -22.33 -26.57 4.47
CA SER B 163 -23.15 -26.03 5.54
C SER B 163 -23.47 -24.55 5.29
N HIS B 164 -22.52 -23.82 4.72
CA HIS B 164 -22.74 -22.42 4.39
C HIS B 164 -23.75 -22.28 3.27
N ALA B 165 -23.61 -23.11 2.24
CA ALA B 165 -24.56 -23.10 1.15
C ALA B 165 -25.93 -23.46 1.68
N GLU B 166 -25.94 -24.42 2.63
CA GLU B 166 -27.21 -24.87 3.20
C GLU B 166 -27.85 -23.73 3.97
N ALA B 167 -27.03 -22.85 4.54
CA ALA B 167 -27.56 -21.72 5.30
C ALA B 167 -28.00 -20.55 4.41
N GLY B 168 -27.69 -20.63 3.12
CA GLY B 168 -28.11 -19.63 2.15
C GLY B 168 -27.01 -18.69 1.65
N ALA B 169 -25.76 -18.92 2.05
CA ALA B 169 -24.64 -18.06 1.59
C ALA B 169 -24.57 -18.12 0.06
N GLN B 170 -24.45 -16.97 -0.58
CA GLN B 170 -24.31 -16.91 -2.05
C GLN B 170 -22.87 -17.09 -2.50
N VAL B 171 -21.94 -16.84 -1.57
CA VAL B 171 -20.52 -16.96 -1.84
C VAL B 171 -19.78 -17.59 -0.68
N VAL B 172 -18.96 -18.60 -0.95
CA VAL B 172 -18.08 -19.15 0.06
C VAL B 172 -16.65 -18.80 -0.32
N ALA B 173 -15.83 -18.48 0.67
CA ALA B 173 -14.48 -18.02 0.38
C ALA B 173 -13.45 -18.76 1.20
N PRO B 174 -12.80 -19.76 0.60
CA PRO B 174 -11.74 -20.47 1.30
C PRO B 174 -10.54 -19.53 1.50
N SER B 175 -10.31 -19.10 2.75
CA SER B 175 -9.24 -18.15 3.12
C SER B 175 -8.00 -18.89 3.55
N ASP B 176 -7.96 -20.20 3.25
N ASP B 176 -8.02 -20.19 3.28
CA ASP B 176 -6.92 -21.12 3.74
CA ASP B 176 -6.90 -21.04 3.53
C ASP B 176 -5.53 -21.32 3.11
C ASP B 176 -6.06 -20.93 2.28
N MET B 177 -5.37 -21.15 1.80
N MET B 177 -4.78 -21.22 2.37
CA MET B 177 -4.07 -21.36 1.10
CA MET B 177 -3.98 -21.34 1.20
C MET B 177 -3.57 -22.81 1.12
C MET B 177 -3.56 -22.80 1.11
N MET B 178 -4.52 -23.72 1.03
CA MET B 178 -4.22 -25.14 0.90
C MET B 178 -4.23 -25.35 -0.60
N ASP B 179 -3.36 -26.23 -1.10
CA ASP B 179 -3.33 -26.52 -2.53
C ASP B 179 -4.58 -27.28 -2.97
N GLY B 180 -5.15 -26.87 -4.10
CA GLY B 180 -6.28 -27.55 -4.72
C GLY B 180 -7.58 -27.62 -3.93
N ARG B 181 -7.84 -26.66 -3.06
CA ARG B 181 -9.07 -26.73 -2.26
C ARG B 181 -10.27 -26.20 -3.04
N ILE B 182 -10.02 -25.36 -4.04
CA ILE B 182 -11.12 -24.79 -4.81
C ILE B 182 -11.87 -25.89 -5.54
N GLY B 183 -11.14 -26.75 -6.24
CA GLY B 183 -11.75 -27.84 -6.99
C GLY B 183 -12.59 -28.74 -6.12
N ALA B 184 -12.07 -29.07 -4.95
CA ALA B 184 -12.76 -29.95 -4.03
C ALA B 184 -14.10 -29.39 -3.57
N ILE B 185 -14.15 -28.09 -3.26
CA ILE B 185 -15.40 -27.49 -2.82
C ILE B 185 -16.34 -27.32 -4.00
N ARG B 186 -15.78 -26.94 -5.14
CA ARG B 186 -16.59 -26.76 -6.34
C ARG B 186 -17.32 -28.06 -6.66
N GLU B 187 -16.57 -29.15 -6.68
CA GLU B 187 -17.14 -30.46 -6.97
C GLU B 187 -18.22 -30.78 -5.98
N ALA B 188 -17.93 -30.57 -4.70
CA ALA B 188 -18.91 -30.85 -3.66
C ALA B 188 -20.17 -30.01 -3.83
N LEU B 189 -20.02 -28.72 -4.12
CA LEU B 189 -21.18 -27.85 -4.29
C LEU B 189 -22.00 -28.31 -5.49
N GLU B 190 -21.33 -28.61 -6.60
CA GLU B 190 -22.02 -29.08 -7.80
C GLU B 190 -22.73 -30.40 -7.55
N SER B 191 -22.02 -31.35 -6.96
N SER B 191 -22.02 -31.35 -6.96
CA SER B 191 -22.58 -32.66 -6.67
CA SER B 191 -22.57 -32.67 -6.67
C SER B 191 -23.80 -32.58 -5.76
C SER B 191 -23.80 -32.58 -5.76
N ALA B 192 -23.83 -31.57 -4.89
CA ALA B 192 -24.93 -31.39 -3.94
C ALA B 192 -26.10 -30.56 -4.44
N GLY B 193 -25.95 -29.96 -5.63
CA GLY B 193 -27.02 -29.16 -6.21
C GLY B 193 -26.89 -27.65 -6.00
N HIS B 194 -25.80 -27.23 -5.38
CA HIS B 194 -25.57 -25.81 -5.12
C HIS B 194 -24.88 -25.18 -6.31
N THR B 195 -25.57 -25.22 -7.44
CA THR B 195 -25.07 -24.79 -8.74
C THR B 195 -24.60 -23.35 -8.82
N ASN B 196 -25.30 -22.44 -8.14
CA ASN B 196 -24.97 -21.02 -8.26
C ASN B 196 -24.23 -20.40 -7.07
N VAL B 197 -23.82 -21.22 -6.12
CA VAL B 197 -23.02 -20.71 -5.01
C VAL B 197 -21.64 -20.39 -5.59
N ARG B 198 -21.20 -19.15 -5.41
CA ARG B 198 -19.91 -18.71 -5.91
C ARG B 198 -18.77 -19.09 -4.95
N VAL B 199 -17.59 -19.27 -5.51
CA VAL B 199 -16.39 -19.57 -4.74
C VAL B 199 -15.42 -18.41 -4.99
N MET B 200 -15.15 -17.63 -3.94
CA MET B 200 -14.20 -16.53 -3.97
C MET B 200 -12.91 -17.05 -3.38
N ALA B 201 -11.94 -17.33 -4.23
CA ALA B 201 -10.69 -17.88 -3.79
C ALA B 201 -9.74 -16.83 -3.25
N TYR B 202 -9.17 -17.09 -2.08
CA TYR B 202 -8.07 -16.29 -1.56
C TYR B 202 -6.89 -16.88 -2.32
N SER B 203 -6.58 -16.35 -3.50
CA SER B 203 -5.62 -16.99 -4.38
C SER B 203 -4.17 -16.68 -4.08
N ALA B 204 -3.86 -15.39 -3.98
CA ALA B 204 -2.52 -14.93 -3.68
C ALA B 204 -2.56 -14.26 -2.32
N LYS B 205 -2.45 -15.06 -1.33
N LYS B 205 -2.45 -15.31 -1.38
CA LYS B 205 -2.41 -14.97 0.11
CA LYS B 205 -2.58 -15.07 0.04
C LYS B 205 -1.06 -14.89 0.78
C LYS B 205 -1.34 -15.07 0.92
N TYR B 206 -0.53 -13.72 1.14
CA TYR B 206 0.88 -13.68 1.60
C TYR B 206 1.04 -13.91 3.11
N ALA B 207 2.13 -14.55 3.47
CA ALA B 207 2.58 -14.64 4.86
C ALA B 207 2.98 -13.27 5.34
N SER B 208 2.02 -12.54 5.90
CA SER B 208 2.21 -11.13 6.19
C SER B 208 2.08 -10.71 7.64
N ALA B 209 2.80 -9.66 8.00
CA ALA B 209 2.69 -9.07 9.33
C ALA B 209 1.43 -8.20 9.44
N TYR B 210 0.78 -7.91 8.32
CA TYR B 210 -0.37 -6.99 8.34
C TYR B 210 -1.65 -7.59 8.91
N TYR B 211 -1.64 -8.89 9.22
CA TYR B 211 -2.82 -9.54 9.78
C TYR B 211 -2.95 -9.39 11.30
N GLY B 212 -1.97 -8.78 11.96
CA GLY B 212 -1.98 -8.69 13.41
C GLY B 212 -3.32 -8.42 14.08
N PRO B 213 -3.90 -7.27 13.79
CA PRO B 213 -5.16 -6.87 14.43
C PRO B 213 -6.34 -7.84 14.21
N PHE B 214 -6.40 -8.51 13.07
CA PHE B 214 -7.47 -9.46 12.79
C PHE B 214 -7.43 -10.59 13.82
N ARG B 215 -6.24 -11.02 14.18
CA ARG B 215 -6.10 -12.06 15.18
C ARG B 215 -6.68 -11.61 16.51
N ASP B 216 -6.53 -10.33 16.81
N ASP B 216 -6.53 -10.33 16.81
CA ASP B 216 -7.10 -9.71 18.01
CA ASP B 216 -7.11 -9.74 18.01
C ASP B 216 -8.63 -9.76 17.89
C ASP B 216 -8.64 -9.77 17.89
N ALA B 217 -9.14 -9.39 16.72
CA ALA B 217 -10.59 -9.37 16.48
C ALA B 217 -11.28 -10.72 16.64
N VAL B 218 -10.68 -11.78 16.12
CA VAL B 218 -11.33 -13.09 16.14
C VAL B 218 -10.95 -13.96 17.33
N GLY B 219 -9.99 -13.52 18.11
CA GLY B 219 -9.53 -14.29 19.26
C GLY B 219 -8.70 -15.50 18.89
N SER B 220 -7.85 -15.37 17.87
CA SER B 220 -6.99 -16.47 17.44
C SER B 220 -5.54 -16.22 17.86
N LYS B 229 3.21 -19.81 9.12
CA LYS B 229 2.38 -19.39 8.00
C LYS B 229 3.14 -19.56 6.70
N ALA B 230 4.46 -19.40 6.79
CA ALA B 230 5.36 -19.49 5.62
C ALA B 230 5.29 -20.81 4.83
N THR B 231 4.76 -21.89 5.42
CA THR B 231 4.62 -23.16 4.72
C THR B 231 3.33 -23.25 3.90
N TYR B 232 2.42 -22.29 4.09
CA TYR B 232 1.22 -22.26 3.25
C TYR B 232 0.95 -20.88 2.63
N GLN B 233 1.18 -19.79 3.37
CA GLN B 233 0.99 -18.46 2.83
C GLN B 233 2.25 -18.07 2.07
N MET B 234 2.07 -17.27 1.01
CA MET B 234 3.13 -16.91 0.09
C MET B 234 4.18 -15.96 0.65
N ASP B 235 5.42 -16.15 0.20
CA ASP B 235 6.55 -15.30 0.53
C ASP B 235 6.28 -13.92 -0.07
N PRO B 236 6.28 -12.86 0.74
CA PRO B 236 6.08 -11.51 0.21
C PRO B 236 7.05 -11.11 -0.89
N ALA B 237 8.17 -11.81 -1.05
CA ALA B 237 9.12 -11.45 -2.10
C ALA B 237 8.65 -11.87 -3.49
N ASN B 238 7.65 -12.75 -3.55
CA ASN B 238 7.31 -13.41 -4.80
C ASN B 238 6.10 -12.84 -5.53
N SER B 239 6.28 -12.62 -6.83
CA SER B 239 5.25 -12.03 -7.69
C SER B 239 4.81 -13.02 -8.78
N ASP B 240 5.78 -13.57 -9.51
CA ASP B 240 5.46 -14.57 -10.53
C ASP B 240 4.62 -15.71 -9.94
N GLU B 241 5.00 -16.15 -8.74
CA GLU B 241 4.31 -17.21 -8.04
C GLU B 241 2.81 -16.94 -7.89
N ALA B 242 2.46 -15.67 -7.68
CA ALA B 242 1.06 -15.28 -7.53
C ALA B 242 0.24 -15.60 -8.77
N LEU B 243 0.86 -15.47 -9.93
CA LEU B 243 0.18 -15.77 -11.20
C LEU B 243 -0.13 -17.25 -11.29
N HIS B 244 0.80 -18.09 -10.86
CA HIS B 244 0.58 -19.53 -10.91
C HIS B 244 -0.53 -19.93 -9.94
N GLU B 245 -0.57 -19.27 -8.78
CA GLU B 245 -1.60 -19.56 -7.77
C GLU B 245 -2.98 -19.24 -8.31
N VAL B 246 -3.12 -18.07 -8.93
CA VAL B 246 -4.39 -17.64 -9.48
C VAL B 246 -4.82 -18.54 -10.62
N ALA B 247 -3.89 -18.89 -11.50
CA ALA B 247 -4.21 -19.74 -12.63
C ALA B 247 -4.83 -21.05 -12.17
N ALA B 248 -4.24 -21.63 -11.14
CA ALA B 248 -4.72 -22.91 -10.60
C ALA B 248 -6.13 -22.78 -10.05
N ASP B 249 -6.39 -21.69 -9.34
CA ASP B 249 -7.72 -21.50 -8.75
C ASP B 249 -8.78 -21.29 -9.83
N LEU B 250 -8.42 -20.59 -10.89
CA LEU B 250 -9.37 -20.37 -11.97
C LEU B 250 -9.66 -21.69 -12.66
N ALA B 251 -8.62 -22.50 -12.85
CA ALA B 251 -8.77 -23.79 -13.50
C ALA B 251 -9.66 -24.71 -12.67
N GLU B 252 -9.56 -24.54 -11.35
CA GLU B 252 -10.34 -25.33 -10.41
C GLU B 252 -11.77 -24.84 -10.22
N GLY B 253 -12.15 -23.75 -10.87
CA GLY B 253 -13.54 -23.32 -10.81
C GLY B 253 -13.88 -22.08 -10.00
N ALA B 254 -12.88 -21.37 -9.50
CA ALA B 254 -13.19 -20.16 -8.75
C ALA B 254 -13.94 -19.16 -9.63
N ASP B 255 -14.94 -18.48 -9.08
CA ASP B 255 -15.69 -17.47 -9.80
C ASP B 255 -15.04 -16.11 -9.63
N MET B 256 -14.30 -15.97 -8.53
N MET B 256 -14.29 -15.96 -8.54
CA MET B 256 -13.59 -14.72 -8.24
CA MET B 256 -13.59 -14.71 -8.23
C MET B 256 -12.26 -15.08 -7.58
C MET B 256 -12.26 -15.08 -7.58
N VAL B 257 -11.24 -14.26 -7.81
CA VAL B 257 -9.92 -14.51 -7.22
C VAL B 257 -9.49 -13.30 -6.42
N MET B 258 -8.76 -13.53 -5.34
CA MET B 258 -8.37 -12.45 -4.43
C MET B 258 -6.89 -12.41 -4.11
N VAL B 259 -6.40 -11.19 -3.95
CA VAL B 259 -5.05 -10.88 -3.54
C VAL B 259 -5.15 -10.32 -2.12
N LYS B 260 -4.38 -10.79 -1.26
CA LYS B 260 -4.31 -10.71 0.17
C LYS B 260 -2.97 -10.54 0.79
N PRO B 261 -2.54 -9.56 1.66
CA PRO B 261 -3.07 -8.18 1.84
C PRO B 261 -3.19 -7.37 0.56
N GLY B 262 -3.66 -6.14 0.71
CA GLY B 262 -3.97 -5.28 -0.41
C GLY B 262 -2.99 -4.25 -0.85
N MET B 263 -2.93 -3.14 -0.13
N MET B 263 -2.93 -3.13 -0.13
CA MET B 263 -2.07 -2.04 -0.57
CA MET B 263 -2.06 -2.03 -0.55
C MET B 263 -0.59 -2.42 -0.70
C MET B 263 -0.59 -2.42 -0.70
N PRO B 264 -0.05 -3.20 0.23
CA PRO B 264 1.34 -3.64 0.12
C PRO B 264 1.58 -4.59 -1.07
N TYR B 265 0.50 -4.96 -1.76
CA TYR B 265 0.56 -5.90 -2.90
C TYR B 265 -0.18 -5.37 -4.13
N LEU B 266 -0.26 -4.05 -4.28
CA LEU B 266 -0.99 -3.48 -5.42
C LEU B 266 -0.42 -3.91 -6.77
N ASP B 267 0.88 -4.15 -6.82
CA ASP B 267 1.54 -4.64 -8.04
C ASP B 267 0.99 -6.00 -8.43
N ILE B 268 0.69 -6.82 -7.42
CA ILE B 268 0.14 -8.15 -7.67
C ILE B 268 -1.29 -8.02 -8.23
N VAL B 269 -2.10 -7.13 -7.66
CA VAL B 269 -3.44 -6.88 -8.16
C VAL B 269 -3.35 -6.55 -9.65
N ARG B 270 -2.40 -5.67 -9.97
N ARG B 270 -2.42 -5.65 -9.98
CA ARG B 270 -2.26 -5.20 -11.34
CA ARG B 270 -2.25 -5.19 -11.35
C ARG B 270 -1.89 -6.36 -12.26
C ARG B 270 -1.87 -6.35 -12.27
N ARG B 271 -0.92 -7.16 -11.85
CA ARG B 271 -0.48 -8.29 -12.67
C ARG B 271 -1.59 -9.33 -12.84
N VAL B 272 -2.31 -9.61 -11.75
CA VAL B 272 -3.38 -10.60 -11.79
C VAL B 272 -4.51 -10.20 -12.75
N LYS B 273 -4.97 -8.94 -12.66
N LYS B 273 -4.96 -8.95 -12.66
CA LYS B 273 -6.01 -8.47 -13.55
CA LYS B 273 -6.00 -8.46 -13.56
C LYS B 273 -5.53 -8.46 -15.02
C LYS B 273 -5.53 -8.46 -15.02
N ASP B 274 -4.30 -8.01 -15.24
CA ASP B 274 -3.75 -7.95 -16.58
C ASP B 274 -3.62 -9.33 -17.21
N GLU B 275 -3.19 -10.29 -16.40
CA GLU B 275 -2.90 -11.62 -16.92
C GLU B 275 -4.15 -12.45 -17.21
N PHE B 276 -5.14 -12.38 -16.32
CA PHE B 276 -6.28 -13.26 -16.42
C PHE B 276 -7.59 -12.60 -16.79
N ARG B 277 -7.68 -11.29 -16.61
N ARG B 277 -7.68 -11.29 -16.64
CA ARG B 277 -8.89 -10.56 -16.97
CA ARG B 277 -8.90 -10.55 -16.97
C ARG B 277 -10.12 -11.24 -16.36
C ARG B 277 -10.12 -11.24 -16.36
N ALA B 278 -10.00 -11.62 -15.09
CA ALA B 278 -11.06 -12.30 -14.36
C ALA B 278 -11.50 -11.42 -13.20
N PRO B 279 -12.67 -11.71 -12.60
CA PRO B 279 -13.13 -10.92 -11.46
C PRO B 279 -12.10 -10.99 -10.35
N THR B 280 -11.52 -9.84 -10.05
CA THR B 280 -10.38 -9.78 -9.15
C THR B 280 -10.68 -8.96 -7.91
N PHE B 281 -10.42 -9.55 -6.76
CA PHE B 281 -10.73 -8.91 -5.49
C PHE B 281 -9.50 -8.71 -4.66
N VAL B 282 -9.60 -7.79 -3.72
CA VAL B 282 -8.45 -7.47 -2.89
C VAL B 282 -8.89 -7.16 -1.48
N TYR B 283 -8.14 -7.64 -0.51
CA TYR B 283 -8.45 -7.43 0.90
C TYR B 283 -7.53 -6.35 1.50
N GLN B 284 -8.13 -5.23 1.88
CA GLN B 284 -7.45 -4.20 2.65
C GLN B 284 -7.52 -4.70 4.08
N VAL B 285 -6.46 -5.37 4.54
CA VAL B 285 -6.52 -6.12 5.78
C VAL B 285 -6.49 -5.26 7.03
N SER B 286 -6.78 -5.93 8.15
CA SER B 286 -6.86 -5.32 9.47
C SER B 286 -5.70 -4.37 9.75
N GLY B 287 -4.48 -4.81 9.46
CA GLY B 287 -3.30 -4.00 9.69
C GLY B 287 -3.29 -2.72 8.85
N GLU B 288 -3.76 -2.81 7.61
CA GLU B 288 -3.87 -1.63 6.77
C GLU B 288 -4.90 -0.66 7.35
N TYR B 289 -6.04 -1.19 7.76
CA TYR B 289 -7.07 -0.38 8.37
C TYR B 289 -6.53 0.30 9.62
N ALA B 290 -5.89 -0.48 10.49
CA ALA B 290 -5.42 0.04 11.76
C ALA B 290 -4.37 1.13 11.58
N MET B 291 -3.43 0.95 10.65
CA MET B 291 -2.39 1.95 10.52
C MET B 291 -3.01 3.26 9.97
N HIS B 292 -3.95 3.17 9.05
CA HIS B 292 -4.62 4.37 8.55
C HIS B 292 -5.45 5.03 9.65
N MET B 293 -6.31 4.24 10.32
CA MET B 293 -7.19 4.79 11.35
C MET B 293 -6.39 5.43 12.48
N GLY B 294 -5.30 4.79 12.89
CA GLY B 294 -4.43 5.35 13.93
C GLY B 294 -3.84 6.70 13.54
N ALA B 295 -3.36 6.79 12.31
CA ALA B 295 -2.77 8.03 11.84
C ALA B 295 -3.82 9.14 11.75
N ILE B 296 -5.03 8.79 11.34
CA ILE B 296 -6.10 9.77 11.20
C ILE B 296 -6.50 10.28 12.58
N GLN B 297 -6.64 9.36 13.53
CA GLN B 297 -7.00 9.74 14.89
C GLN B 297 -5.90 10.54 15.59
N ASN B 298 -4.65 10.26 15.26
CA ASN B 298 -3.53 10.98 15.87
C ASN B 298 -3.40 12.38 15.31
N GLY B 299 -4.17 12.68 14.26
CA GLY B 299 -4.10 13.97 13.59
C GLY B 299 -2.88 14.08 12.70
N TRP B 300 -2.37 12.93 12.25
CA TRP B 300 -1.18 12.88 11.40
C TRP B 300 -1.54 12.85 9.92
N LEU B 301 -2.71 12.30 9.60
CA LEU B 301 -3.18 12.21 8.22
C LEU B 301 -4.63 12.63 8.13
N ALA B 302 -4.98 13.28 7.03
CA ALA B 302 -6.36 13.69 6.78
C ALA B 302 -7.20 12.47 6.45
N GLU B 303 -8.50 12.59 6.72
CA GLU B 303 -9.47 11.54 6.43
C GLU B 303 -9.52 11.13 4.97
N SER B 304 -9.09 12.04 4.11
CA SER B 304 -9.12 11.81 2.68
C SER B 304 -8.26 10.62 2.24
N VAL B 305 -7.33 10.18 3.10
N VAL B 305 -7.34 10.18 3.10
CA VAL B 305 -6.50 9.03 2.74
CA VAL B 305 -6.50 9.04 2.74
C VAL B 305 -7.34 7.76 2.59
C VAL B 305 -7.34 7.76 2.58
N ILE B 306 -8.51 7.74 3.21
CA ILE B 306 -9.37 6.55 3.12
C ILE B 306 -9.79 6.34 1.67
N LEU B 307 -10.38 7.36 1.06
CA LEU B 307 -10.76 7.26 -0.35
C LEU B 307 -9.54 7.14 -1.26
N GLU B 308 -8.42 7.77 -0.90
CA GLU B 308 -7.22 7.66 -1.71
C GLU B 308 -6.76 6.19 -1.73
N SER B 309 -6.79 5.55 -0.58
CA SER B 309 -6.33 4.17 -0.49
C SER B 309 -7.26 3.23 -1.26
N LEU B 310 -8.55 3.53 -1.27
CA LEU B 310 -9.51 2.67 -1.96
C LEU B 310 -9.46 2.89 -3.45
N THR B 311 -9.25 4.13 -3.87
CA THR B 311 -9.09 4.47 -5.27
C THR B 311 -7.89 3.73 -5.85
N ALA B 312 -6.83 3.59 -5.06
CA ALA B 312 -5.66 2.84 -5.50
C ALA B 312 -6.04 1.43 -5.93
N PHE B 313 -6.89 0.76 -5.17
CA PHE B 313 -7.31 -0.60 -5.54
C PHE B 313 -8.00 -0.64 -6.91
N LYS B 314 -8.88 0.31 -7.18
N LYS B 314 -8.87 0.32 -7.18
CA LYS B 314 -9.56 0.37 -8.48
CA LYS B 314 -9.56 0.37 -8.48
C LYS B 314 -8.56 0.63 -9.60
C LYS B 314 -8.57 0.63 -9.60
N ARG B 315 -7.67 1.58 -9.37
CA ARG B 315 -6.66 1.94 -10.36
C ARG B 315 -5.78 0.73 -10.67
N ALA B 316 -5.48 -0.03 -9.65
CA ALA B 316 -4.62 -1.22 -9.79
C ALA B 316 -5.32 -2.39 -10.50
N GLY B 317 -6.64 -2.34 -10.64
CA GLY B 317 -7.36 -3.39 -11.34
C GLY B 317 -8.39 -4.17 -10.55
N ALA B 318 -8.57 -3.84 -9.29
CA ALA B 318 -9.52 -4.58 -8.46
C ALA B 318 -10.96 -4.28 -8.85
N ASP B 319 -11.76 -5.33 -8.85
CA ASP B 319 -13.20 -5.18 -9.08
C ASP B 319 -13.92 -4.97 -7.77
N GLY B 320 -13.42 -5.58 -6.71
CA GLY B 320 -14.03 -5.47 -5.40
C GLY B 320 -12.97 -5.42 -4.33
N ILE B 321 -13.31 -4.74 -3.25
CA ILE B 321 -12.39 -4.50 -2.16
C ILE B 321 -13.03 -4.89 -0.83
N LEU B 322 -12.43 -5.85 -0.14
CA LEU B 322 -12.86 -6.16 1.20
C LEU B 322 -12.17 -5.13 2.11
N THR B 323 -12.96 -4.28 2.76
CA THR B 323 -12.39 -3.19 3.56
C THR B 323 -13.21 -2.87 4.79
N TYR B 324 -12.55 -2.69 5.93
CA TYR B 324 -13.23 -2.32 7.17
C TYR B 324 -13.71 -0.85 7.14
N PHE B 325 -13.27 -0.11 6.12
CA PHE B 325 -13.70 1.27 5.89
C PHE B 325 -14.97 1.36 5.02
N ALA B 326 -15.56 0.22 4.67
CA ALA B 326 -16.66 0.22 3.72
C ALA B 326 -17.79 1.18 4.06
N LYS B 327 -18.22 1.21 5.31
CA LYS B 327 -19.32 2.10 5.69
C LYS B 327 -18.93 3.57 5.53
N GLN B 328 -17.78 3.93 6.08
N GLN B 328 -17.78 3.93 6.09
CA GLN B 328 -17.29 5.31 6.01
CA GLN B 328 -17.30 5.31 6.00
C GLN B 328 -17.11 5.72 4.54
C GLN B 328 -17.12 5.73 4.54
N ALA B 329 -16.55 4.83 3.73
CA ALA B 329 -16.35 5.13 2.32
C ALA B 329 -17.69 5.35 1.62
N ALA B 330 -18.63 4.43 1.81
CA ALA B 330 -19.95 4.53 1.22
C ALA B 330 -20.64 5.82 1.63
N GLU B 331 -20.47 6.22 2.89
CA GLU B 331 -21.04 7.49 3.34
C GLU B 331 -20.46 8.67 2.59
N GLN B 332 -19.14 8.64 2.36
CA GLN B 332 -18.49 9.73 1.62
C GLN B 332 -18.91 9.74 0.17
N LEU B 333 -19.04 8.55 -0.43
CA LEU B 333 -19.44 8.45 -1.81
C LEU B 333 -20.86 8.95 -2.00
N ARG B 334 -21.69 8.78 -0.97
CA ARG B 334 -23.07 9.21 -0.99
C ARG B 334 -23.08 10.73 -0.92
N ARG B 335 -22.02 11.31 -0.39
CA ARG B 335 -22.00 12.75 -0.17
C ARG B 335 -21.45 13.65 -1.26
#